data_4OP2
#
_entry.id   4OP2
#
_cell.length_a   149.053
_cell.length_b   149.053
_cell.length_c   131.833
_cell.angle_alpha   90.00
_cell.angle_beta   90.00
_cell.angle_gamma   120.00
#
_symmetry.space_group_name_H-M   'P 65'
#
loop_
_entity.id
_entity.type
_entity.pdbx_description
1 polymer 'Glucokinase Regulatory Protein'
2 non-polymer "(2S)-2-{4'-[(6-aminopyridin-3-yl)sulfonyl]biphenyl-4-yl}-1,1,1-trifluoropropan-2-ol"
3 non-polymer D-SORBITOL-6-PHOSPHATE
4 non-polymer 'IODIDE ION'
5 non-polymer GLYCEROL
6 non-polymer 'SULFATE ION'
7 water water
#
_entity_poly.entity_id   1
_entity_poly.type   'polypeptide(L)'
_entity_poly.pdbx_seq_one_letter_code
;MAHHHHHHDEVDMPGTKRFQHVIETPEPGKWELSGYEAAVPITEKSNPLTQDLDKADAENIVRLLGQCDAEIFQEEGQAL
STYQRLYSESILTTMVQVAGKVQEVLKEPDGGLVVLSGGGTSGRMAFLMSVSFNQLMKGLGQKPLYTYLIAGGDRSVVAS
REGTEDSALHGIEELKKVAAGKKRVIVIGISVGLSAPFVAGQMDCCMNNTAVFLPVLVGFNPVSMARNDPIEDWSSTFRQ
VAERMQKMQEKQKAFVLNPAIGPEGLSGSSRMKGGSATKILLETLLLAAHKTVDQGIAASQRCLLEILRTFERAHQVTYS
QSPKIATLMKSVSTSLEKKGHVYLVGWQTLGIIAIMDGVECIHTFGADFRDVRGFLIGDHSDMFNQKAELTNQGPQFTFS
QEDFLTSILPSLTEIDTVVFIFTLDDNLTEVQTIVEQVKEKTNHIQALAHSTVGQTLPIPLKKLFPSIISITWPLLFFEY
EGNFIQKFQRELSTKWVLNTVSTGAHVLLGKILQNHMLDLRISNSKLFWRALAMLQRFSGQSKARCIESLLRAIHFPQPL
SDDIRAAPISCHVQVAHEKEQVIPIALLSLLFRCSITEAQAHLAAAPSVCEAVRSALAGPGQKRTADPLEILEPDVQG
;
_entity_poly.pdbx_strand_id   A,B
#
# COMPACT_ATOMS: atom_id res chain seq x y z
N MET A 13 -2.63 0.59 23.23
CA MET A 13 -1.45 0.49 24.14
C MET A 13 -0.22 0.04 23.33
N PRO A 14 0.99 0.11 23.92
CA PRO A 14 2.21 -0.32 23.22
C PRO A 14 2.10 -1.71 22.58
N GLY A 15 2.26 -1.77 21.27
CA GLY A 15 2.19 -3.04 20.54
C GLY A 15 0.84 -3.40 19.93
N THR A 16 -0.21 -2.68 20.29
CA THR A 16 -1.52 -3.02 19.78
C THR A 16 -1.47 -3.13 18.24
N LYS A 17 -1.02 -2.08 17.58
CA LYS A 17 -0.99 -2.07 16.12
C LYS A 17 -0.07 -3.15 15.50
N ARG A 18 1.06 -3.48 16.14
CA ARG A 18 1.97 -4.53 15.63
C ARG A 18 1.28 -5.91 15.53
N PHE A 19 0.26 -6.12 16.40
CA PHE A 19 -0.32 -7.41 16.69
C PHE A 19 -1.78 -7.49 16.34
N GLN A 20 -2.30 -6.44 15.70
CA GLN A 20 -3.74 -6.28 15.41
C GLN A 20 -4.30 -7.36 14.52
N HIS A 21 -3.52 -7.77 13.53
CA HIS A 21 -4.02 -8.78 12.61
C HIS A 21 -4.17 -10.20 13.27
N VAL A 22 -3.63 -10.37 14.47
CA VAL A 22 -3.64 -11.64 15.17
C VAL A 22 -5.02 -11.83 15.78
N ILE A 23 -5.64 -12.98 15.55
CA ILE A 23 -6.96 -13.24 16.06
C ILE A 23 -6.86 -13.86 17.47
N GLU A 24 -7.86 -13.64 18.32
CA GLU A 24 -7.85 -14.19 19.66
C GLU A 24 -7.94 -15.69 19.64
N THR A 25 -7.31 -16.29 20.62
CA THR A 25 -7.42 -17.73 20.84
C THR A 25 -8.89 -18.02 21.13
N PRO A 26 -9.51 -18.90 20.35
CA PRO A 26 -10.85 -19.35 20.72
C PRO A 26 -10.91 -20.10 22.06
N GLU A 27 -12.10 -20.24 22.62
CA GLU A 27 -12.29 -20.97 23.87
C GLU A 27 -12.14 -22.48 23.65
N PRO A 28 -11.93 -23.25 24.72
CA PRO A 28 -11.88 -24.69 24.46
C PRO A 28 -13.12 -25.11 23.67
N GLY A 29 -12.95 -25.95 22.65
CA GLY A 29 -14.07 -26.49 21.87
C GLY A 29 -14.64 -25.60 20.79
N LYS A 30 -14.36 -24.29 20.84
CA LYS A 30 -14.89 -23.33 19.87
C LYS A 30 -13.85 -22.99 18.77
N TRP A 31 -12.83 -23.82 18.60
CA TRP A 31 -11.82 -23.56 17.57
C TRP A 31 -12.42 -23.51 16.15
N GLU A 32 -13.34 -24.43 15.90
CA GLU A 32 -14.16 -24.42 14.69
C GLU A 32 -15.08 -23.16 14.57
N LEU A 33 -15.98 -22.97 15.55
CA LEU A 33 -17.02 -21.90 15.50
C LEU A 33 -16.58 -20.45 15.85
N SER A 34 -15.36 -20.29 16.33
CA SER A 34 -14.73 -18.96 16.38
C SER A 34 -14.53 -18.38 14.98
N GLY A 35 -14.24 -19.25 14.01
CA GLY A 35 -13.75 -18.79 12.72
C GLY A 35 -12.34 -18.25 12.81
N TYR A 36 -11.63 -18.57 13.89
CA TYR A 36 -10.20 -18.46 13.92
C TYR A 36 -9.72 -19.37 12.77
N GLU A 37 -10.15 -20.64 12.81
CA GLU A 37 -9.82 -21.63 11.80
C GLU A 37 -10.06 -21.17 10.34
N ALA A 38 -11.17 -20.49 10.11
CA ALA A 38 -11.51 -20.01 8.77
C ALA A 38 -10.51 -18.95 8.27
N ALA A 39 -9.90 -18.20 9.15
CA ALA A 39 -8.90 -17.29 8.71
C ALA A 39 -7.47 -17.89 8.70
N VAL A 40 -7.24 -19.16 9.05
CA VAL A 40 -5.83 -19.66 8.97
C VAL A 40 -5.60 -19.93 7.51
N PRO A 41 -4.59 -19.29 6.92
CA PRO A 41 -4.37 -19.57 5.50
C PRO A 41 -4.19 -21.06 5.20
N ILE A 42 -4.67 -21.50 4.05
CA ILE A 42 -4.57 -22.97 3.77
C ILE A 42 -3.15 -23.41 3.99
N THR A 43 -2.14 -22.58 3.65
CA THR A 43 -0.76 -23.03 3.65
C THR A 43 -0.25 -23.24 5.04
N GLU A 44 -0.85 -22.56 6.02
CA GLU A 44 -0.50 -22.69 7.40
C GLU A 44 -1.33 -23.70 8.15
N LYS A 45 -2.34 -24.29 7.53
CA LYS A 45 -3.26 -25.15 8.30
C LYS A 45 -2.58 -26.46 8.71
N SER A 46 -3.15 -27.08 9.74
CA SER A 46 -2.88 -28.45 10.13
C SER A 46 -3.57 -29.42 9.15
N ASN A 47 -2.84 -30.30 8.48
CA ASN A 47 -3.50 -31.30 7.63
C ASN A 47 -4.14 -32.42 8.49
N PRO A 48 -5.48 -32.58 8.38
CA PRO A 48 -6.25 -33.62 9.12
C PRO A 48 -5.68 -35.04 8.94
N LEU A 49 -5.31 -35.39 7.71
CA LEU A 49 -4.58 -36.64 7.43
C LEU A 49 -3.34 -36.88 8.30
N THR A 50 -2.70 -35.83 8.80
CA THR A 50 -1.46 -36.05 9.51
C THR A 50 -1.59 -35.69 10.97
N GLN A 51 -2.80 -35.66 11.50
CA GLN A 51 -3.07 -35.48 12.96
C GLN A 51 -2.03 -36.16 13.82
N ASP A 52 -1.69 -37.39 13.44
CA ASP A 52 -0.89 -38.26 14.31
C ASP A 52 0.39 -38.69 13.63
N LEU A 53 0.94 -37.78 12.86
CA LEU A 53 2.12 -38.08 12.10
C LEU A 53 3.26 -38.45 13.04
N ASP A 54 3.20 -37.90 14.27
CA ASP A 54 4.27 -38.13 15.23
C ASP A 54 4.18 -39.53 15.85
N LYS A 55 3.12 -40.26 15.52
CA LYS A 55 2.95 -41.63 15.97
C LYS A 55 2.95 -42.62 14.80
N ALA A 56 3.20 -42.19 13.58
CA ALA A 56 3.21 -43.15 12.52
C ALA A 56 4.59 -43.77 12.46
N ASP A 57 4.63 -45.06 12.12
CA ASP A 57 5.88 -45.75 11.76
C ASP A 57 6.32 -45.29 10.35
N ALA A 58 7.37 -45.90 9.83
CA ALA A 58 7.93 -45.43 8.59
C ALA A 58 7.05 -45.66 7.38
N GLU A 59 6.25 -46.72 7.37
CA GLU A 59 5.44 -47.06 6.20
C GLU A 59 4.17 -46.18 6.18
N ASN A 60 3.55 -46.01 7.33
CA ASN A 60 2.48 -45.06 7.49
C ASN A 60 2.88 -43.60 7.13
N ILE A 61 4.05 -43.17 7.57
CA ILE A 61 4.53 -41.84 7.24
C ILE A 61 4.55 -41.70 5.74
N VAL A 62 5.12 -42.70 5.04
CA VAL A 62 5.21 -42.68 3.55
C VAL A 62 3.83 -42.64 2.92
N ARG A 63 2.92 -43.44 3.45
CA ARG A 63 1.56 -43.46 2.99
C ARG A 63 0.87 -42.09 3.19
N LEU A 64 1.10 -41.51 4.36
CA LEU A 64 0.48 -40.23 4.69
C LEU A 64 1.00 -39.06 3.84
N LEU A 65 2.31 -38.95 3.64
CA LEU A 65 2.87 -37.89 2.78
C LEU A 65 2.58 -38.07 1.29
N GLY A 66 2.63 -39.30 0.78
CA GLY A 66 2.21 -39.60 -0.60
C GLY A 66 0.78 -39.18 -0.85
N GLN A 67 -0.04 -39.39 0.15
CA GLN A 67 -1.42 -38.98 0.13
C GLN A 67 -1.58 -37.45 0.22
N CYS A 68 -0.80 -36.80 1.09
CA CYS A 68 -0.81 -35.30 1.14
C CYS A 68 -0.38 -34.74 -0.23
N ASP A 69 0.72 -35.24 -0.78
CA ASP A 69 1.12 -34.89 -2.17
C ASP A 69 0.09 -35.11 -3.24
N ALA A 70 -0.76 -36.10 -3.04
CA ALA A 70 -1.78 -36.46 -4.03
C ALA A 70 -2.79 -35.31 -4.07
N GLU A 71 -2.93 -34.58 -2.97
CA GLU A 71 -3.92 -33.51 -2.91
C GLU A 71 -3.67 -32.40 -3.95
N ILE A 72 -2.47 -32.36 -4.49
CA ILE A 72 -2.18 -31.34 -5.51
C ILE A 72 -3.08 -31.61 -6.70
N PHE A 73 -3.45 -32.86 -6.92
CA PHE A 73 -4.19 -33.21 -8.12
C PHE A 73 -5.68 -33.44 -7.90
N GLN A 74 -6.11 -33.26 -6.67
CA GLN A 74 -7.51 -33.40 -6.35
C GLN A 74 -8.28 -32.23 -6.99
N GLU A 75 -9.46 -32.56 -7.54
CA GLU A 75 -10.34 -31.64 -8.28
C GLU A 75 -11.25 -30.95 -7.32
N GLU A 76 -11.78 -29.81 -7.75
CA GLU A 76 -12.71 -29.04 -6.90
C GLU A 76 -13.98 -29.85 -6.50
N GLY A 77 -14.28 -29.91 -5.21
CA GLY A 77 -15.64 -30.20 -4.75
C GLY A 77 -16.71 -29.19 -5.23
N GLN A 78 -17.99 -29.57 -5.08
CA GLN A 78 -19.13 -28.73 -5.57
C GLN A 78 -19.50 -27.57 -4.64
N SER A 81 -19.36 -24.84 -3.50
CA SER A 81 -19.03 -23.74 -2.59
C SER A 81 -17.64 -23.92 -1.88
N THR A 82 -16.54 -23.56 -2.56
CA THR A 82 -15.18 -24.00 -2.20
C THR A 82 -14.05 -23.47 -3.10
N TYR A 83 -12.81 -23.78 -2.72
CA TYR A 83 -11.63 -23.19 -3.39
C TYR A 83 -11.23 -23.80 -4.78
N GLN A 84 -10.96 -22.95 -5.75
CA GLN A 84 -10.41 -23.41 -7.01
C GLN A 84 -9.11 -24.21 -6.79
N ARG A 85 -8.90 -25.21 -7.64
CA ARG A 85 -7.78 -26.13 -7.60
C ARG A 85 -7.09 -26.24 -8.96
N LEU A 86 -6.07 -27.06 -9.04
CA LEU A 86 -5.22 -27.04 -10.22
C LEU A 86 -5.99 -27.35 -11.52
N TYR A 87 -6.90 -28.33 -11.42
CA TYR A 87 -7.71 -28.79 -12.54
C TYR A 87 -9.01 -27.99 -12.76
N SER A 88 -9.24 -26.91 -12.00
CA SER A 88 -10.43 -26.09 -12.19
C SER A 88 -10.22 -25.22 -13.41
N GLU A 89 -11.32 -24.91 -14.08
CA GLU A 89 -11.30 -24.21 -15.34
C GLU A 89 -10.76 -22.77 -15.28
N SER A 90 -11.13 -22.06 -14.24
CA SER A 90 -10.58 -20.73 -14.02
C SER A 90 -9.04 -20.74 -13.91
N ILE A 91 -8.45 -21.74 -13.24
CA ILE A 91 -7.00 -21.85 -13.15
C ILE A 91 -6.40 -22.22 -14.50
N LEU A 92 -6.92 -23.29 -15.13
CA LEU A 92 -6.36 -23.72 -16.40
C LEU A 92 -6.48 -22.64 -17.43
N THR A 93 -7.59 -21.93 -17.42
CA THR A 93 -7.77 -20.77 -18.34
C THR A 93 -6.73 -19.70 -18.10
N THR A 94 -6.35 -19.50 -16.85
CA THR A 94 -5.27 -18.55 -16.54
C THR A 94 -3.92 -19.08 -16.96
N MET A 95 -3.75 -20.37 -16.86
CA MET A 95 -2.51 -20.91 -17.40
C MET A 95 -2.47 -20.61 -18.88
N VAL A 96 -3.58 -20.86 -19.58
CA VAL A 96 -3.60 -20.67 -21.03
C VAL A 96 -3.20 -19.24 -21.38
N GLN A 97 -3.91 -18.26 -20.84
CA GLN A 97 -3.61 -16.82 -21.07
C GLN A 97 -2.16 -16.42 -20.78
N VAL A 98 -1.58 -16.97 -19.73
CA VAL A 98 -0.16 -16.74 -19.36
C VAL A 98 0.83 -17.36 -20.36
N ALA A 99 0.66 -18.64 -20.69
CA ALA A 99 1.33 -19.20 -21.87
C ALA A 99 1.21 -18.25 -23.08
N GLY A 100 0.01 -17.78 -23.36
CA GLY A 100 -0.17 -16.80 -24.40
C GLY A 100 0.88 -15.70 -24.25
N LYS A 101 0.91 -15.04 -23.09
CA LYS A 101 1.76 -13.83 -22.96
C LYS A 101 3.23 -14.18 -23.04
N VAL A 102 3.59 -15.38 -22.61
CA VAL A 102 4.97 -15.82 -22.75
C VAL A 102 5.35 -15.99 -24.24
N GLN A 103 4.45 -16.58 -25.01
CA GLN A 103 4.63 -16.60 -26.45
C GLN A 103 4.99 -15.19 -26.98
N GLU A 104 4.21 -14.15 -26.67
CA GLU A 104 4.52 -12.81 -27.23
C GLU A 104 5.99 -12.48 -27.17
N VAL A 105 6.59 -12.78 -26.01
CA VAL A 105 7.98 -12.46 -25.70
C VAL A 105 8.90 -13.37 -26.46
N LEU A 106 8.53 -14.64 -26.54
CA LEU A 106 9.29 -15.58 -27.37
C LEU A 106 9.31 -15.18 -28.87
N LYS A 107 8.33 -14.43 -29.37
CA LYS A 107 8.39 -13.93 -30.75
C LYS A 107 9.34 -12.75 -30.88
N GLU A 108 9.39 -11.93 -29.84
CA GLU A 108 10.24 -10.77 -29.85
C GLU A 108 11.29 -10.86 -28.77
N PRO A 109 12.22 -11.80 -28.91
CA PRO A 109 13.26 -11.93 -27.89
C PRO A 109 14.13 -10.70 -27.70
N ASP A 110 14.21 -9.82 -28.68
CA ASP A 110 15.12 -8.69 -28.56
C ASP A 110 14.59 -7.68 -27.53
N GLY A 111 15.27 -7.63 -26.40
CA GLY A 111 14.83 -6.80 -25.31
C GLY A 111 13.73 -7.44 -24.48
N GLY A 112 13.52 -8.75 -24.65
CA GLY A 112 12.50 -9.51 -23.93
C GLY A 112 13.19 -10.20 -22.78
N LEU A 113 12.47 -10.47 -21.68
CA LEU A 113 13.02 -11.22 -20.53
C LEU A 113 11.87 -11.89 -19.74
N VAL A 114 12.15 -13.00 -19.08
CA VAL A 114 11.17 -13.74 -18.32
C VAL A 114 11.85 -14.05 -17.03
N VAL A 115 11.38 -13.46 -15.91
CA VAL A 115 11.97 -13.69 -14.58
C VAL A 115 11.13 -14.54 -13.66
N LEU A 116 11.76 -15.50 -13.03
CA LEU A 116 11.11 -16.39 -12.08
C LEU A 116 11.74 -16.08 -10.74
N SER A 117 10.91 -15.63 -9.77
CA SER A 117 11.41 -15.07 -8.49
C SER A 117 10.66 -15.55 -7.27
N GLY A 118 11.39 -15.96 -6.27
CA GLY A 118 10.87 -16.26 -4.97
C GLY A 118 11.96 -16.28 -3.92
N GLY A 119 11.54 -16.56 -2.68
CA GLY A 119 12.41 -16.68 -1.51
C GLY A 119 12.44 -18.13 -1.13
N GLY A 120 13.53 -18.55 -0.47
CA GLY A 120 13.69 -19.90 0.04
C GLY A 120 13.44 -20.90 -1.11
N THR A 121 12.61 -21.88 -0.82
CA THR A 121 12.32 -22.89 -1.79
C THR A 121 11.65 -22.35 -2.99
N SER A 122 10.89 -21.29 -2.91
CA SER A 122 10.34 -20.74 -4.14
C SER A 122 11.44 -20.25 -5.03
N GLY A 123 12.50 -19.74 -4.40
CA GLY A 123 13.66 -19.22 -5.13
C GLY A 123 14.44 -20.37 -5.76
N ARG A 124 14.61 -21.43 -4.98
CA ARG A 124 15.24 -22.60 -5.48
C ARG A 124 14.50 -23.17 -6.70
N MET A 125 13.18 -23.33 -6.58
CA MET A 125 12.41 -23.83 -7.69
C MET A 125 12.57 -22.94 -8.91
N ALA A 126 12.60 -21.62 -8.69
CA ALA A 126 12.82 -20.65 -9.78
C ALA A 126 14.06 -20.91 -10.64
N PHE A 127 15.09 -21.32 -9.93
CA PHE A 127 16.43 -21.37 -10.44
C PHE A 127 16.48 -22.54 -11.42
N LEU A 128 16.03 -23.70 -10.93
CA LEU A 128 15.92 -24.93 -11.69
C LEU A 128 15.14 -24.70 -12.96
N MET A 129 13.99 -24.09 -12.83
CA MET A 129 13.19 -23.85 -14.00
C MET A 129 13.85 -22.88 -14.98
N SER A 130 14.60 -21.89 -14.49
CA SER A 130 15.19 -20.94 -15.37
C SER A 130 16.27 -21.64 -16.18
N VAL A 131 16.92 -22.63 -15.56
CA VAL A 131 18.00 -23.35 -16.23
C VAL A 131 17.41 -24.20 -17.37
N SER A 132 16.44 -25.03 -17.00
CA SER A 132 15.73 -25.85 -17.94
C SER A 132 15.27 -25.07 -19.16
N PHE A 133 14.54 -23.97 -19.01
CA PHE A 133 14.00 -23.31 -20.18
C PHE A 133 15.07 -22.54 -20.95
N ASN A 134 16.19 -22.28 -20.26
CA ASN A 134 17.37 -21.76 -20.93
C ASN A 134 18.10 -22.87 -21.72
N GLN A 135 18.23 -24.08 -21.16
CA GLN A 135 18.70 -25.23 -21.94
C GLN A 135 17.84 -25.40 -23.22
N LEU A 136 16.52 -25.33 -23.05
CA LEU A 136 15.61 -25.59 -24.14
C LEU A 136 15.76 -24.54 -25.24
N MET A 137 15.91 -23.29 -24.86
CA MET A 137 16.19 -22.28 -25.87
C MET A 137 17.59 -22.44 -26.49
N LYS A 138 18.52 -22.99 -25.71
CA LYS A 138 19.88 -23.21 -26.19
C LYS A 138 19.84 -24.30 -27.25
N GLY A 139 19.38 -25.50 -26.87
CA GLY A 139 19.10 -26.58 -27.80
C GLY A 139 18.50 -26.16 -29.12
N LEU A 140 17.62 -25.15 -29.13
CA LEU A 140 17.10 -24.57 -30.37
C LEU A 140 17.99 -23.49 -30.97
N GLY A 141 19.19 -23.28 -30.42
CA GLY A 141 20.06 -22.17 -30.83
C GLY A 141 19.47 -20.78 -30.70
N GLN A 142 18.57 -20.59 -29.72
CA GLN A 142 18.02 -19.26 -29.40
C GLN A 142 18.70 -18.71 -28.15
N LYS A 143 18.73 -17.39 -28.03
CA LYS A 143 19.32 -16.76 -26.84
C LYS A 143 18.51 -17.14 -25.61
N PRO A 144 19.18 -17.42 -24.50
CA PRO A 144 18.38 -17.67 -23.28
C PRO A 144 17.56 -16.41 -22.87
N LEU A 145 16.27 -16.58 -22.54
CA LEU A 145 15.45 -15.43 -22.10
C LEU A 145 15.03 -15.50 -20.62
N TYR A 146 15.41 -16.58 -19.94
CA TYR A 146 15.06 -16.76 -18.56
C TYR A 146 16.14 -16.36 -17.61
N THR A 147 15.73 -15.69 -16.54
CA THR A 147 16.59 -15.62 -15.40
C THR A 147 15.81 -15.84 -14.11
N TYR A 148 16.53 -16.03 -13.03
CA TYR A 148 15.88 -16.29 -11.76
C TYR A 148 16.28 -15.15 -10.83
N LEU A 149 15.52 -14.96 -9.76
CA LEU A 149 15.85 -14.11 -8.63
C LEU A 149 15.54 -14.89 -7.40
N ILE A 150 16.39 -14.75 -6.41
CA ILE A 150 16.20 -15.36 -5.14
C ILE A 150 16.60 -14.41 -3.98
N ALA A 151 15.78 -14.42 -2.94
CA ALA A 151 15.96 -13.57 -1.80
C ALA A 151 17.33 -13.86 -1.23
N GLY A 152 18.15 -12.80 -1.22
CA GLY A 152 19.48 -12.82 -0.62
C GLY A 152 20.56 -13.07 -1.68
N GLY A 153 20.20 -13.00 -2.96
CA GLY A 153 21.15 -13.28 -4.05
C GLY A 153 21.46 -14.77 -4.29
N ASP A 154 22.17 -14.98 -5.39
CA ASP A 154 22.45 -16.33 -5.94
C ASP A 154 22.89 -17.32 -4.93
N ARG A 155 23.74 -16.88 -4.02
CA ARG A 155 24.15 -17.72 -2.92
C ARG A 155 22.99 -18.40 -2.21
N SER A 156 21.85 -17.71 -2.09
CA SER A 156 20.71 -18.33 -1.39
C SER A 156 20.24 -19.65 -2.05
N VAL A 157 20.49 -19.85 -3.34
CA VAL A 157 20.00 -21.07 -4.04
C VAL A 157 20.31 -22.34 -3.29
N VAL A 158 21.50 -22.37 -2.70
CA VAL A 158 21.97 -23.58 -2.05
C VAL A 158 22.30 -23.36 -0.58
N ALA A 159 21.75 -22.31 0.03
CA ALA A 159 21.99 -22.06 1.47
C ALA A 159 20.69 -21.84 2.28
N SER A 160 20.77 -22.14 3.58
CA SER A 160 19.70 -21.80 4.53
C SER A 160 19.78 -20.31 4.87
N ARG A 161 18.96 -19.46 4.26
CA ARG A 161 19.05 -18.01 4.54
C ARG A 161 17.65 -17.42 4.69
N GLU A 162 16.93 -17.98 5.65
CA GLU A 162 15.49 -17.66 5.85
C GLU A 162 15.20 -16.18 6.14
N GLY A 163 16.24 -15.39 6.49
CA GLY A 163 16.08 -14.05 6.96
C GLY A 163 15.90 -13.08 5.84
N THR A 164 16.24 -13.48 4.62
CA THR A 164 16.34 -12.54 3.54
C THR A 164 15.10 -12.28 2.78
N GLU A 165 14.00 -12.92 3.10
CA GLU A 165 12.77 -12.70 2.38
C GLU A 165 11.88 -11.48 2.83
N ASP A 166 12.32 -10.80 3.89
CA ASP A 166 11.46 -9.83 4.62
C ASP A 166 11.55 -8.38 4.07
N SER A 167 12.28 -8.16 3.00
CA SER A 167 12.44 -6.80 2.45
C SER A 167 11.90 -6.67 1.06
N ALA A 168 10.93 -5.77 0.89
CA ALA A 168 10.39 -5.45 -0.39
C ALA A 168 11.35 -4.59 -1.21
N LEU A 169 12.14 -3.70 -0.60
CA LEU A 169 13.12 -2.93 -1.41
C LEU A 169 14.21 -3.81 -1.98
N HIS A 170 14.70 -4.74 -1.19
CA HIS A 170 15.57 -5.72 -1.72
C HIS A 170 14.97 -6.42 -3.00
N GLY A 171 13.79 -7.05 -2.89
CA GLY A 171 13.13 -7.67 -4.04
C GLY A 171 13.18 -6.79 -5.28
N ILE A 172 12.81 -5.54 -5.07
CA ILE A 172 12.69 -4.57 -6.17
C ILE A 172 14.06 -4.27 -6.76
N GLU A 173 15.06 -4.18 -5.89
CA GLU A 173 16.42 -3.86 -6.32
C GLU A 173 16.95 -4.95 -7.25
N GLU A 174 16.83 -6.20 -6.82
CA GLU A 174 17.20 -7.35 -7.60
C GLU A 174 16.48 -7.33 -8.92
N LEU A 175 15.16 -7.12 -8.89
CA LEU A 175 14.39 -7.02 -10.10
C LEU A 175 14.91 -5.89 -11.01
N LYS A 176 15.25 -4.74 -10.45
CA LYS A 176 15.73 -3.65 -11.32
C LYS A 176 17.10 -3.95 -11.96
N LYS A 177 17.95 -4.68 -11.24
CA LYS A 177 19.26 -5.06 -11.73
C LYS A 177 19.13 -5.84 -13.02
N VAL A 178 18.28 -6.86 -12.98
CA VAL A 178 18.15 -7.83 -14.03
C VAL A 178 17.31 -7.31 -15.19
N ALA A 179 16.34 -6.44 -14.92
CA ALA A 179 15.54 -5.84 -15.97
C ALA A 179 16.16 -4.60 -16.58
N ALA A 180 17.40 -4.30 -16.15
CA ALA A 180 18.44 -3.59 -16.95
C ALA A 180 17.88 -2.60 -17.98
N GLY A 181 17.95 -2.91 -19.27
CA GLY A 181 17.36 -2.02 -20.29
C GLY A 181 16.43 -2.80 -21.22
N LYS A 182 15.60 -3.66 -20.64
CA LYS A 182 14.77 -4.58 -21.39
C LYS A 182 13.51 -3.84 -21.79
N LYS A 183 12.81 -4.30 -22.82
CA LYS A 183 11.58 -3.63 -23.26
C LYS A 183 10.30 -4.33 -22.83
N ARG A 184 10.38 -5.65 -22.63
CA ARG A 184 9.23 -6.51 -22.32
C ARG A 184 9.68 -7.50 -21.25
N VAL A 185 9.11 -7.41 -20.06
CA VAL A 185 9.55 -8.26 -18.97
C VAL A 185 8.36 -8.91 -18.30
N ILE A 186 8.40 -10.23 -18.26
CA ILE A 186 7.44 -11.00 -17.51
C ILE A 186 8.13 -11.42 -16.23
N VAL A 187 7.47 -11.08 -15.10
CA VAL A 187 7.94 -11.43 -13.77
C VAL A 187 6.96 -12.33 -13.07
N ILE A 188 7.43 -13.55 -12.89
CA ILE A 188 6.70 -14.59 -12.24
C ILE A 188 7.17 -14.68 -10.79
N GLY A 189 6.37 -14.06 -9.92
CA GLY A 189 6.72 -13.98 -8.51
C GLY A 189 6.05 -15.11 -7.83
N ILE A 190 6.81 -15.99 -7.26
CA ILE A 190 6.34 -17.19 -6.63
C ILE A 190 6.43 -17.05 -5.14
N SER A 191 5.32 -17.21 -4.45
CA SER A 191 5.29 -17.26 -3.01
C SER A 191 4.11 -18.15 -2.60
N VAL A 192 4.46 -19.28 -2.06
CA VAL A 192 3.50 -20.29 -1.82
C VAL A 192 2.43 -19.78 -0.91
N GLY A 193 2.85 -19.13 0.16
CA GLY A 193 1.92 -18.57 1.08
C GLY A 193 1.28 -17.27 0.63
N LEU A 194 1.59 -16.76 -0.56
CA LEU A 194 1.27 -15.37 -0.94
C LEU A 194 1.69 -14.44 0.24
N SER A 195 2.95 -14.58 0.61
CA SER A 195 3.46 -14.11 1.88
C SER A 195 4.73 -13.27 1.77
N ALA A 196 5.68 -13.65 0.91
CA ALA A 196 7.03 -13.08 1.01
C ALA A 196 7.10 -11.60 0.59
N PRO A 197 7.61 -10.73 1.48
CA PRO A 197 7.71 -9.36 1.14
C PRO A 197 8.65 -9.12 -0.08
N PHE A 198 9.66 -9.96 -0.23
CA PHE A 198 10.56 -9.97 -1.45
C PHE A 198 9.68 -9.99 -2.73
N VAL A 199 8.69 -10.85 -2.77
CA VAL A 199 7.87 -10.93 -3.97
C VAL A 199 6.92 -9.76 -4.04
N ALA A 200 6.28 -9.43 -2.91
CA ALA A 200 5.25 -8.36 -2.94
C ALA A 200 5.77 -7.05 -3.60
N GLY A 201 7.00 -6.68 -3.25
CA GLY A 201 7.54 -5.44 -3.83
C GLY A 201 7.71 -5.50 -5.34
N GLN A 202 8.17 -6.63 -5.84
CA GLN A 202 8.34 -6.83 -7.29
C GLN A 202 7.00 -6.69 -8.03
N MET A 203 5.96 -7.30 -7.47
CA MET A 203 4.65 -7.38 -8.13
C MET A 203 4.12 -5.95 -8.22
N ASP A 204 4.19 -5.21 -7.10
CA ASP A 204 3.73 -3.80 -7.05
C ASP A 204 4.52 -2.91 -8.03
N CYS A 205 5.85 -3.00 -8.00
CA CYS A 205 6.70 -2.27 -8.97
C CYS A 205 6.26 -2.57 -10.41
N CYS A 206 6.01 -3.85 -10.72
CA CYS A 206 5.54 -4.18 -12.09
C CYS A 206 4.26 -3.46 -12.42
N MET A 207 3.36 -3.32 -11.46
CA MET A 207 2.09 -2.68 -11.79
C MET A 207 2.26 -1.19 -11.99
N ASN A 208 3.37 -0.62 -11.54
CA ASN A 208 3.55 0.80 -11.85
C ASN A 208 4.20 1.05 -13.23
N ASN A 209 4.72 0.00 -13.87
CA ASN A 209 5.19 0.16 -15.22
C ASN A 209 4.79 -1.00 -16.16
N THR A 210 3.57 -0.92 -16.58
CA THR A 210 2.87 -1.99 -17.27
C THR A 210 3.30 -2.04 -18.74
N ALA A 211 3.65 -0.88 -19.32
CA ALA A 211 4.36 -0.79 -20.62
C ALA A 211 5.41 -1.87 -20.72
N VAL A 212 6.27 -1.96 -19.70
CA VAL A 212 7.40 -2.87 -19.73
C VAL A 212 7.08 -4.19 -19.05
N PHE A 213 6.46 -4.13 -17.86
CA PHE A 213 6.34 -5.29 -17.01
C PHE A 213 4.99 -5.98 -17.06
N LEU A 214 5.00 -7.30 -16.99
CA LEU A 214 3.79 -8.04 -16.74
C LEU A 214 4.01 -8.99 -15.55
N PRO A 215 3.32 -8.71 -14.42
CA PRO A 215 3.48 -9.57 -13.29
C PRO A 215 2.52 -10.75 -13.28
N VAL A 216 3.04 -11.88 -12.83
CA VAL A 216 2.30 -13.07 -12.71
C VAL A 216 2.60 -13.63 -11.34
N LEU A 217 1.58 -13.80 -10.50
CA LEU A 217 1.83 -14.14 -9.13
C LEU A 217 1.42 -15.58 -8.96
N VAL A 218 2.30 -16.36 -8.35
CA VAL A 218 2.05 -17.78 -8.15
C VAL A 218 2.15 -18.17 -6.72
N GLY A 219 1.09 -18.78 -6.20
CA GLY A 219 1.03 -19.27 -4.82
C GLY A 219 -0.19 -20.14 -4.63
N PHE A 220 -0.46 -20.57 -3.40
CA PHE A 220 -1.43 -21.59 -3.10
C PHE A 220 -2.45 -21.25 -2.01
N ASN A 221 -2.76 -19.97 -1.91
CA ASN A 221 -3.87 -19.56 -1.08
C ASN A 221 -4.79 -18.75 -1.94
N PRO A 222 -6.08 -18.72 -1.62
CA PRO A 222 -6.94 -17.66 -2.16
C PRO A 222 -6.41 -16.27 -1.77
N VAL A 223 -6.63 -15.32 -2.62
CA VAL A 223 -6.26 -13.94 -2.34
C VAL A 223 -6.88 -13.37 -1.06
N SER A 224 -8.09 -13.78 -0.77
CA SER A 224 -8.68 -13.41 0.52
C SER A 224 -7.84 -13.91 1.70
N MET A 225 -6.93 -14.85 1.49
CA MET A 225 -6.13 -15.36 2.59
C MET A 225 -4.70 -14.90 2.47
N ALA A 226 -4.42 -14.02 1.53
CA ALA A 226 -3.05 -13.55 1.34
C ALA A 226 -2.61 -12.73 2.50
N ARG A 227 -1.32 -12.74 2.74
CA ARG A 227 -0.75 -12.09 3.90
C ARG A 227 -1.09 -10.63 3.92
N ASN A 228 -1.50 -10.20 5.12
CA ASN A 228 -1.98 -8.83 5.33
C ASN A 228 -1.39 -8.05 6.51
N ASP A 229 -0.32 -8.52 7.14
CA ASP A 229 0.40 -7.74 8.16
C ASP A 229 1.40 -6.80 7.48
N PRO A 230 1.69 -5.63 8.09
CA PRO A 230 2.51 -4.65 7.42
C PRO A 230 3.92 -5.17 7.17
N ILE A 231 4.46 -4.80 6.02
CA ILE A 231 5.84 -5.09 5.67
C ILE A 231 6.72 -3.94 6.14
N GLU A 232 7.87 -4.20 6.75
CA GLU A 232 8.59 -3.11 7.37
C GLU A 232 9.07 -2.01 6.44
N ASP A 233 9.54 -2.37 5.26
CA ASP A 233 10.04 -1.34 4.34
C ASP A 233 9.02 -1.07 3.24
N TRP A 234 7.71 -1.31 3.45
CA TRP A 234 6.74 -1.14 2.35
C TRP A 234 5.33 -0.83 2.90
N SER A 235 4.61 0.05 2.19
CA SER A 235 3.32 0.57 2.59
C SER A 235 2.09 -0.33 2.41
N SER A 236 2.09 -1.16 1.36
CA SER A 236 0.99 -2.03 1.01
C SER A 236 1.28 -3.38 1.56
N THR A 237 0.24 -4.18 1.72
CA THR A 237 0.38 -5.54 2.14
C THR A 237 0.34 -6.51 0.95
N PHE A 238 0.77 -7.74 1.15
CA PHE A 238 0.73 -8.70 0.03
C PHE A 238 -0.70 -8.78 -0.46
N ARG A 239 -1.63 -8.87 0.48
CA ARG A 239 -3.01 -9.00 0.12
C ARG A 239 -3.46 -7.92 -0.83
N GLN A 240 -3.10 -6.66 -0.57
CA GLN A 240 -3.51 -5.55 -1.41
C GLN A 240 -2.92 -5.63 -2.81
N VAL A 241 -1.67 -6.06 -2.83
CA VAL A 241 -0.96 -6.19 -4.04
C VAL A 241 -1.70 -7.29 -4.86
N ALA A 242 -1.99 -8.43 -4.25
CA ALA A 242 -2.70 -9.46 -4.98
C ALA A 242 -4.16 -9.10 -5.40
N GLU A 243 -4.93 -8.40 -4.56
CA GLU A 243 -6.28 -7.93 -4.99
C GLU A 243 -6.19 -7.02 -6.19
N ARG A 244 -5.17 -6.19 -6.20
CA ARG A 244 -5.02 -5.28 -7.31
C ARG A 244 -4.52 -5.99 -8.56
N MET A 245 -3.65 -7.02 -8.43
CA MET A 245 -3.26 -7.81 -9.60
C MET A 245 -4.54 -8.49 -10.22
N GLN A 246 -5.40 -8.99 -9.36
CA GLN A 246 -6.60 -9.67 -9.78
C GLN A 246 -7.55 -8.73 -10.56
N LYS A 247 -7.72 -7.52 -10.09
CA LYS A 247 -8.49 -6.57 -10.86
C LYS A 247 -7.82 -6.37 -12.24
N MET A 248 -6.49 -6.31 -12.32
CA MET A 248 -5.78 -6.11 -13.60
C MET A 248 -5.89 -7.30 -14.57
N GLN A 249 -6.17 -8.47 -14.03
CA GLN A 249 -6.32 -9.66 -14.84
C GLN A 249 -7.48 -9.57 -15.84
N GLU A 250 -8.60 -9.01 -15.42
CA GLU A 250 -9.72 -8.68 -16.35
C GLU A 250 -9.30 -7.99 -17.65
N LYS A 251 -8.21 -7.21 -17.60
CA LYS A 251 -7.63 -6.56 -18.78
C LYS A 251 -6.34 -7.27 -19.20
N GLN A 252 -6.01 -8.42 -18.61
CA GLN A 252 -4.80 -9.17 -19.00
C GLN A 252 -3.51 -8.43 -18.80
N LYS A 253 -3.46 -7.53 -17.83
CA LYS A 253 -2.18 -6.90 -17.52
C LYS A 253 -1.55 -7.45 -16.24
N ALA A 254 -2.20 -8.41 -15.56
CA ALA A 254 -1.59 -9.08 -14.45
C ALA A 254 -2.26 -10.41 -14.32
N PHE A 255 -1.62 -11.35 -13.66
CA PHE A 255 -2.27 -12.62 -13.48
C PHE A 255 -2.03 -13.15 -12.09
N VAL A 256 -3.05 -13.80 -11.52
CA VAL A 256 -2.80 -14.47 -10.30
C VAL A 256 -3.18 -15.89 -10.54
N LEU A 257 -2.24 -16.80 -10.26
CA LEU A 257 -2.32 -18.22 -10.48
C LEU A 257 -2.20 -18.92 -9.15
N ASN A 258 -3.32 -19.22 -8.52
CA ASN A 258 -3.29 -19.61 -7.13
C ASN A 258 -4.27 -20.70 -6.74
N PRO A 259 -4.05 -21.92 -7.27
CA PRO A 259 -4.91 -23.03 -6.89
C PRO A 259 -4.65 -23.47 -5.47
N ALA A 260 -5.67 -23.96 -4.78
CA ALA A 260 -5.44 -24.58 -3.49
C ALA A 260 -4.91 -25.97 -3.76
N ILE A 261 -3.98 -26.42 -2.92
CA ILE A 261 -3.47 -27.75 -2.99
C ILE A 261 -3.57 -28.47 -1.67
N GLY A 262 -4.24 -27.86 -0.70
CA GLY A 262 -4.45 -28.43 0.66
C GLY A 262 -3.22 -28.24 1.54
N PRO A 263 -3.36 -28.32 2.86
CA PRO A 263 -2.26 -27.98 3.74
C PRO A 263 -1.10 -28.93 3.60
N GLU A 264 0.07 -28.51 4.09
CA GLU A 264 1.28 -29.36 4.06
C GLU A 264 1.17 -30.44 5.13
N GLY A 265 1.83 -31.59 4.93
CA GLY A 265 1.75 -32.71 5.84
C GLY A 265 2.47 -32.44 7.16
N LEU A 266 3.58 -31.69 7.07
CA LEU A 266 4.16 -30.99 8.20
C LEU A 266 3.68 -29.57 7.99
N SER A 267 2.85 -29.08 8.92
CA SER A 267 2.21 -27.78 8.89
C SER A 267 3.16 -26.67 8.52
N GLY A 268 2.85 -25.96 7.43
CA GLY A 268 3.53 -24.76 7.05
C GLY A 268 4.86 -24.99 6.37
N SER A 269 5.17 -26.26 6.13
CA SER A 269 6.38 -26.62 5.44
C SER A 269 6.17 -26.57 3.93
N SER A 270 6.15 -25.34 3.39
CA SER A 270 5.80 -25.11 2.02
C SER A 270 6.93 -25.59 1.01
N ARG A 271 8.05 -26.07 1.53
CA ARG A 271 9.07 -26.60 0.63
C ARG A 271 8.57 -27.92 -0.04
N MET A 272 7.57 -28.56 0.53
CA MET A 272 7.09 -29.85 0.12
C MET A 272 6.08 -29.73 -1.01
N LYS A 273 4.79 -29.79 -0.69
CA LYS A 273 3.76 -29.67 -1.69
C LYS A 273 3.90 -28.40 -2.43
N GLY A 274 4.16 -27.32 -1.72
CA GLY A 274 4.31 -26.06 -2.39
C GLY A 274 5.37 -25.98 -3.47
N GLY A 275 6.58 -26.42 -3.12
CA GLY A 275 7.65 -26.36 -4.13
C GLY A 275 7.33 -27.31 -5.29
N SER A 276 6.73 -28.43 -4.97
CA SER A 276 6.37 -29.43 -6.03
C SER A 276 5.32 -28.85 -6.95
N ALA A 277 4.24 -28.31 -6.36
CA ALA A 277 3.20 -27.68 -7.13
C ALA A 277 3.70 -26.48 -7.96
N THR A 278 4.73 -25.80 -7.43
CA THR A 278 5.31 -24.71 -8.18
C THR A 278 5.89 -25.27 -9.50
N LYS A 279 6.68 -26.33 -9.45
CA LYS A 279 7.22 -26.91 -10.69
C LYS A 279 6.08 -27.40 -11.59
N ILE A 280 5.16 -28.18 -11.02
CA ILE A 280 4.12 -28.83 -11.81
C ILE A 280 3.43 -27.71 -12.57
N LEU A 281 3.08 -26.68 -11.85
CA LEU A 281 2.32 -25.65 -12.48
C LEU A 281 3.12 -24.88 -13.51
N LEU A 282 4.33 -24.50 -13.16
CA LEU A 282 5.10 -23.63 -14.07
C LEU A 282 5.78 -24.41 -15.23
N GLU A 283 6.35 -25.56 -14.95
CA GLU A 283 6.89 -26.34 -16.07
C GLU A 283 5.79 -26.64 -17.13
N THR A 284 4.67 -27.16 -16.66
CA THR A 284 3.53 -27.34 -17.53
C THR A 284 3.31 -26.16 -18.48
N LEU A 285 3.24 -24.98 -17.90
CA LEU A 285 2.75 -23.86 -18.65
C LEU A 285 3.83 -23.30 -19.60
N LEU A 286 5.04 -23.26 -19.11
CA LEU A 286 6.12 -22.76 -19.90
C LEU A 286 6.36 -23.73 -21.12
N LEU A 287 6.40 -25.02 -20.84
CA LEU A 287 6.64 -26.02 -21.86
C LEU A 287 5.53 -26.01 -22.94
N ALA A 288 4.27 -25.90 -22.53
CA ALA A 288 3.19 -25.69 -23.49
C ALA A 288 3.41 -24.48 -24.38
N ALA A 289 3.89 -23.41 -23.76
CA ALA A 289 4.06 -22.17 -24.51
C ALA A 289 5.11 -22.38 -25.61
N HIS A 290 6.27 -22.91 -25.22
CA HIS A 290 7.37 -23.15 -26.16
C HIS A 290 6.88 -24.09 -27.28
N LYS A 291 6.36 -25.26 -26.88
CA LYS A 291 6.04 -26.28 -27.84
C LYS A 291 4.89 -25.88 -28.75
N THR A 292 4.12 -24.85 -28.40
CA THR A 292 3.08 -24.38 -29.27
C THR A 292 3.48 -23.15 -30.08
N VAL A 293 4.56 -22.44 -29.75
CA VAL A 293 4.96 -21.34 -30.64
C VAL A 293 5.49 -21.83 -31.99
N ASP A 294 6.33 -22.86 -31.91
CA ASP A 294 7.03 -23.33 -33.11
C ASP A 294 6.07 -24.10 -33.99
N GLN A 295 5.01 -24.65 -33.39
CA GLN A 295 3.89 -25.23 -34.14
C GLN A 295 2.91 -24.20 -34.70
N GLY A 296 3.06 -22.90 -34.41
CA GLY A 296 2.17 -21.84 -34.96
C GLY A 296 0.71 -21.95 -34.52
N ILE A 297 0.54 -22.45 -33.29
CA ILE A 297 -0.73 -22.86 -32.69
C ILE A 297 -0.83 -22.29 -31.27
N ALA A 298 -1.93 -21.64 -30.92
CA ALA A 298 -2.08 -21.13 -29.55
C ALA A 298 -1.97 -22.25 -28.51
N ALA A 299 -1.43 -21.93 -27.34
CA ALA A 299 -1.53 -22.88 -26.23
C ALA A 299 -3.01 -23.07 -25.90
N SER A 300 -3.36 -24.23 -25.36
CA SER A 300 -4.75 -24.59 -25.15
C SER A 300 -4.82 -25.47 -23.92
N GLN A 301 -5.98 -25.53 -23.30
CA GLN A 301 -6.20 -26.36 -22.12
C GLN A 301 -5.72 -27.78 -22.35
N ARG A 302 -6.09 -28.32 -23.51
CA ARG A 302 -5.75 -29.67 -23.90
C ARG A 302 -4.25 -29.86 -23.88
N CYS A 303 -3.46 -29.00 -24.50
CA CYS A 303 -1.99 -29.20 -24.33
C CYS A 303 -1.57 -29.26 -22.83
N LEU A 304 -2.06 -28.31 -22.02
CA LEU A 304 -1.67 -28.28 -20.57
C LEU A 304 -2.05 -29.56 -19.85
N LEU A 305 -3.28 -30.00 -20.08
CA LEU A 305 -3.78 -31.22 -19.45
C LEU A 305 -2.92 -32.44 -19.66
N GLU A 306 -2.50 -32.61 -20.89
CA GLU A 306 -1.62 -33.72 -21.24
C GLU A 306 -0.42 -33.74 -20.28
N ILE A 307 0.18 -32.55 -20.13
CA ILE A 307 1.33 -32.38 -19.25
C ILE A 307 1.01 -32.55 -17.75
N LEU A 308 -0.13 -32.02 -17.32
CA LEU A 308 -0.57 -32.22 -15.94
C LEU A 308 -0.82 -33.68 -15.57
N ARG A 309 -1.46 -34.40 -16.48
CA ARG A 309 -1.77 -35.81 -16.23
C ARG A 309 -0.48 -36.63 -16.20
N THR A 310 0.50 -36.25 -17.02
CA THR A 310 1.83 -36.90 -16.96
C THR A 310 2.39 -36.66 -15.55
N PHE A 311 2.34 -35.42 -15.05
CA PHE A 311 2.88 -35.17 -13.71
C PHE A 311 2.08 -35.96 -12.73
N GLU A 312 0.79 -36.14 -12.95
CA GLU A 312 -0.01 -36.88 -11.96
C GLU A 312 0.34 -38.39 -11.92
N ARG A 313 0.70 -38.93 -13.10
CA ARG A 313 1.17 -40.35 -13.25
C ARG A 313 2.48 -40.45 -12.48
N ALA A 314 3.31 -39.41 -12.66
CA ALA A 314 4.62 -39.39 -11.97
C ALA A 314 4.49 -39.55 -10.45
N HIS A 315 3.40 -39.06 -9.88
CA HIS A 315 3.17 -39.28 -8.45
C HIS A 315 2.83 -40.71 -8.16
N GLN A 316 2.05 -41.30 -9.05
CA GLN A 316 1.64 -42.68 -8.85
C GLN A 316 2.85 -43.64 -8.97
N VAL A 317 3.55 -43.44 -10.07
CA VAL A 317 4.78 -44.17 -10.36
C VAL A 317 5.74 -44.04 -9.18
N THR A 318 5.95 -42.80 -8.70
CA THR A 318 6.91 -42.57 -7.64
C THR A 318 6.52 -43.31 -6.35
N TYR A 319 5.30 -43.16 -5.90
CA TYR A 319 4.88 -43.82 -4.70
C TYR A 319 4.51 -45.29 -4.94
N SER A 320 4.78 -45.85 -6.15
CA SER A 320 4.68 -47.32 -6.36
C SER A 320 5.78 -48.00 -5.56
N GLN A 321 6.86 -47.26 -5.35
CA GLN A 321 7.98 -47.71 -4.58
C GLN A 321 7.89 -47.39 -3.10
N SER A 322 6.70 -47.24 -2.55
CA SER A 322 6.59 -46.85 -1.13
C SER A 322 7.44 -47.69 -0.12
N PRO A 323 7.29 -49.04 -0.10
CA PRO A 323 8.02 -49.88 0.86
C PRO A 323 9.51 -49.57 0.95
N LYS A 324 10.15 -49.44 -0.21
CA LYS A 324 11.59 -49.17 -0.30
C LYS A 324 11.87 -47.72 0.07
N ILE A 325 10.91 -46.83 -0.20
CA ILE A 325 10.98 -45.47 0.31
C ILE A 325 10.99 -45.50 1.83
N ALA A 326 10.04 -46.18 2.45
CA ALA A 326 10.07 -46.35 3.94
C ALA A 326 11.39 -46.91 4.51
N THR A 327 12.02 -47.86 3.78
CA THR A 327 13.24 -48.54 4.26
C THR A 327 14.42 -47.56 4.25
N LEU A 328 14.52 -46.74 3.21
CA LEU A 328 15.54 -45.70 3.18
C LEU A 328 15.29 -44.78 4.35
N MET A 329 14.01 -44.54 4.65
CA MET A 329 13.62 -43.70 5.79
C MET A 329 14.24 -44.27 7.05
N LYS A 330 13.91 -45.52 7.37
CA LYS A 330 14.47 -46.17 8.56
C LYS A 330 15.99 -45.99 8.59
N SER A 331 16.72 -46.25 7.51
CA SER A 331 18.19 -46.09 7.55
C SER A 331 18.73 -44.64 7.67
N VAL A 332 17.95 -43.66 7.19
CA VAL A 332 18.33 -42.28 7.40
C VAL A 332 18.09 -41.91 8.87
N SER A 333 16.97 -42.34 9.44
CA SER A 333 16.67 -42.02 10.81
C SER A 333 17.61 -42.67 11.82
N THR A 334 17.94 -43.94 11.57
CA THR A 334 18.94 -44.69 12.35
C THR A 334 20.25 -43.94 12.47
N SER A 335 20.86 -43.65 11.33
CA SER A 335 22.15 -43.00 11.30
C SER A 335 22.15 -41.65 12.01
N LEU A 336 21.01 -40.95 12.00
CA LEU A 336 20.86 -39.67 12.68
C LEU A 336 20.65 -39.93 14.11
N GLU A 337 19.88 -40.95 14.43
CA GLU A 337 19.61 -41.30 15.80
C GLU A 337 20.89 -41.68 16.55
N LYS A 338 21.84 -42.35 15.90
CA LYS A 338 23.10 -42.65 16.62
C LYS A 338 23.78 -41.30 16.80
N LYS A 339 24.63 -40.89 15.87
CA LYS A 339 24.80 -39.48 15.56
C LYS A 339 25.69 -39.42 14.35
N GLY A 340 25.26 -40.13 13.32
CA GLY A 340 25.94 -40.12 12.06
C GLY A 340 25.37 -39.09 11.11
N HIS A 341 25.87 -39.14 9.89
CA HIS A 341 25.58 -38.20 8.85
C HIS A 341 25.10 -39.00 7.64
N VAL A 342 24.44 -38.28 6.74
CA VAL A 342 23.71 -38.86 5.66
C VAL A 342 24.15 -38.09 4.45
N TYR A 343 24.52 -38.79 3.40
CA TYR A 343 25.12 -38.12 2.26
C TYR A 343 24.22 -38.41 1.05
N LEU A 344 24.02 -37.41 0.21
CA LEU A 344 23.07 -37.51 -0.88
C LEU A 344 23.83 -37.21 -2.15
N VAL A 345 24.03 -38.25 -2.96
CA VAL A 345 25.03 -38.14 -4.01
C VAL A 345 24.38 -38.28 -5.37
N GLY A 346 24.47 -37.25 -6.19
CA GLY A 346 23.64 -37.23 -7.37
C GLY A 346 24.31 -36.50 -8.48
N TRP A 347 23.82 -36.78 -9.68
CA TRP A 347 24.46 -36.27 -10.89
C TRP A 347 23.52 -35.32 -11.59
N GLN A 348 24.09 -34.39 -12.32
CA GLN A 348 23.34 -33.34 -12.97
C GLN A 348 22.29 -32.71 -12.03
N THR A 349 21.20 -32.20 -12.60
CA THR A 349 20.10 -31.60 -11.85
C THR A 349 19.61 -32.39 -10.63
N LEU A 350 19.72 -33.71 -10.63
CA LEU A 350 19.27 -34.43 -9.44
C LEU A 350 20.24 -34.27 -8.32
N GLY A 351 21.50 -34.02 -8.65
CA GLY A 351 22.48 -33.63 -7.61
C GLY A 351 22.03 -32.35 -6.90
N ILE A 352 21.64 -31.35 -7.68
CA ILE A 352 21.25 -30.04 -7.16
C ILE A 352 20.11 -30.18 -6.19
N ILE A 353 19.04 -30.84 -6.65
CA ILE A 353 17.90 -31.16 -5.80
C ILE A 353 18.34 -31.83 -4.50
N ALA A 354 19.38 -32.68 -4.53
CA ALA A 354 19.87 -33.33 -3.27
C ALA A 354 20.44 -32.32 -2.24
N ILE A 355 21.14 -31.34 -2.76
CA ILE A 355 21.77 -30.37 -1.91
C ILE A 355 20.68 -29.47 -1.31
N MET A 356 19.70 -29.12 -2.15
CA MET A 356 18.54 -28.36 -1.76
C MET A 356 17.85 -29.05 -0.65
N ASP A 357 17.69 -30.35 -0.76
CA ASP A 357 16.96 -31.03 0.32
C ASP A 357 17.69 -30.94 1.63
N GLY A 358 18.97 -31.31 1.63
CA GLY A 358 19.80 -31.31 2.84
C GLY A 358 19.90 -29.96 3.56
N VAL A 359 20.19 -28.92 2.81
CA VAL A 359 20.17 -27.57 3.30
C VAL A 359 18.82 -27.23 4.05
N GLU A 360 17.69 -27.50 3.39
CA GLU A 360 16.37 -27.20 3.93
C GLU A 360 16.12 -27.85 5.27
N CYS A 361 16.78 -28.98 5.48
CA CYS A 361 16.69 -29.66 6.79
C CYS A 361 17.27 -28.80 7.94
N ILE A 362 18.20 -27.89 7.64
CA ILE A 362 18.81 -27.02 8.67
C ILE A 362 17.73 -26.17 9.33
N HIS A 363 17.01 -25.38 8.52
CA HIS A 363 15.98 -24.50 9.10
C HIS A 363 14.72 -25.30 9.42
N THR A 364 14.39 -26.31 8.63
CA THR A 364 13.15 -27.01 8.90
C THR A 364 13.21 -27.85 10.20
N PHE A 365 14.36 -28.46 10.49
CA PHE A 365 14.40 -29.30 11.70
C PHE A 365 15.49 -28.94 12.73
N GLY A 366 16.14 -27.80 12.55
CA GLY A 366 17.18 -27.40 13.47
C GLY A 366 18.44 -28.23 13.26
N ALA A 367 18.56 -28.82 12.07
CA ALA A 367 19.56 -29.86 11.89
C ALA A 367 20.84 -29.18 11.43
N ASP A 368 21.98 -29.77 11.82
CA ASP A 368 23.35 -29.43 11.37
C ASP A 368 23.55 -29.61 9.89
N PHE A 369 24.34 -28.79 9.21
CA PHE A 369 24.67 -28.98 7.75
C PHE A 369 25.28 -30.34 7.37
N ARG A 370 25.85 -31.03 8.35
CA ARG A 370 26.45 -32.33 8.14
C ARG A 370 25.39 -33.41 8.23
N ASP A 371 24.29 -33.13 8.93
CA ASP A 371 23.30 -34.17 9.24
C ASP A 371 22.68 -34.88 8.02
N VAL A 372 22.48 -34.11 6.95
CA VAL A 372 21.85 -34.58 5.73
C VAL A 372 22.31 -33.60 4.69
N ARG A 373 23.33 -33.99 3.93
CA ARG A 373 23.97 -33.08 3.00
C ARG A 373 23.95 -33.65 1.59
N GLY A 374 23.91 -32.76 0.61
CA GLY A 374 23.85 -33.13 -0.79
C GLY A 374 25.15 -32.82 -1.50
N PHE A 375 25.37 -33.51 -2.62
CA PHE A 375 26.61 -33.43 -3.39
C PHE A 375 26.27 -33.57 -4.87
N LEU A 376 26.86 -32.76 -5.71
CA LEU A 376 26.75 -32.91 -7.16
C LEU A 376 28.10 -33.33 -7.82
N ILE A 377 28.03 -34.34 -8.69
CA ILE A 377 29.16 -34.79 -9.52
C ILE A 377 28.90 -34.59 -10.99
N PHE A 397 29.91 -28.34 -2.14
CA PHE A 397 28.69 -29.06 -2.63
C PHE A 397 28.84 -29.66 -4.06
N THR A 398 29.63 -29.00 -4.88
CA THR A 398 29.91 -29.49 -6.22
C THR A 398 31.31 -30.17 -6.24
N PHE A 399 31.38 -31.46 -5.91
CA PHE A 399 32.68 -32.11 -5.83
C PHE A 399 32.85 -33.19 -6.91
N SER A 400 33.80 -32.96 -7.82
CA SER A 400 34.21 -33.94 -8.87
C SER A 400 34.56 -35.36 -8.34
N GLN A 401 34.67 -36.32 -9.27
CA GLN A 401 34.79 -37.75 -8.90
C GLN A 401 35.93 -38.01 -7.92
N GLU A 402 37.15 -37.67 -8.35
CA GLU A 402 38.33 -37.89 -7.52
C GLU A 402 38.23 -37.02 -6.25
N ASP A 403 37.93 -35.72 -6.42
CA ASP A 403 37.78 -34.76 -5.29
C ASP A 403 36.90 -35.32 -4.16
N PHE A 404 35.79 -35.95 -4.53
CA PHE A 404 34.92 -36.57 -3.53
C PHE A 404 35.60 -37.80 -2.90
N LEU A 405 36.27 -38.58 -3.74
CA LEU A 405 37.02 -39.75 -3.26
C LEU A 405 38.14 -39.33 -2.28
N THR A 406 38.83 -38.22 -2.56
CA THR A 406 39.96 -37.81 -1.71
C THR A 406 39.49 -37.21 -0.38
N SER A 407 38.60 -36.22 -0.45
CA SER A 407 38.26 -35.38 0.72
C SER A 407 37.13 -35.93 1.60
N ILE A 408 35.99 -36.23 1.01
CA ILE A 408 34.80 -36.65 1.79
C ILE A 408 34.86 -38.11 2.19
N LEU A 409 35.26 -38.96 1.25
CA LEU A 409 35.30 -40.42 1.46
C LEU A 409 35.95 -40.87 2.81
N PRO A 410 37.09 -40.26 3.21
CA PRO A 410 37.73 -40.55 4.51
C PRO A 410 36.83 -40.42 5.75
N SER A 411 35.89 -39.48 5.71
CA SER A 411 35.10 -39.14 6.89
C SER A 411 33.97 -40.13 7.22
N LEU A 412 33.76 -41.16 6.38
CA LEU A 412 32.63 -42.06 6.55
C LEU A 412 32.82 -43.07 7.67
N THR A 413 31.75 -43.76 8.04
CA THR A 413 31.68 -44.54 9.29
C THR A 413 30.64 -45.66 9.15
N GLU A 414 30.74 -46.67 10.01
CA GLU A 414 29.82 -47.82 10.02
C GLU A 414 28.36 -47.38 9.94
N ILE A 415 28.00 -46.44 10.81
CA ILE A 415 26.61 -46.04 11.10
C ILE A 415 26.01 -44.98 10.17
N ASP A 416 26.84 -44.31 9.36
CA ASP A 416 26.38 -43.36 8.36
C ASP A 416 25.52 -44.04 7.27
N THR A 417 24.97 -43.22 6.35
CA THR A 417 24.17 -43.69 5.24
C THR A 417 24.45 -42.83 4.03
N VAL A 418 24.64 -43.47 2.87
CA VAL A 418 24.97 -42.76 1.65
C VAL A 418 23.99 -43.16 0.57
N VAL A 419 23.48 -42.15 -0.16
CA VAL A 419 22.39 -42.34 -1.12
C VAL A 419 22.83 -41.85 -2.50
N PHE A 420 22.65 -42.74 -3.47
CA PHE A 420 23.08 -42.47 -4.82
C PHE A 420 21.87 -42.27 -5.70
N ILE A 421 21.91 -41.20 -6.47
CA ILE A 421 20.76 -40.69 -7.15
C ILE A 421 21.20 -40.33 -8.56
N PHE A 422 20.73 -41.11 -9.53
CA PHE A 422 21.21 -40.97 -10.92
C PHE A 422 20.23 -41.65 -11.88
N THR A 423 20.39 -41.38 -13.18
CA THR A 423 19.70 -42.13 -14.23
C THR A 423 20.68 -43.05 -14.96
N LEU A 424 20.13 -43.94 -15.77
CA LEU A 424 20.93 -44.83 -16.57
C LEU A 424 21.52 -44.08 -17.74
N ASP A 425 21.16 -42.82 -17.93
CA ASP A 425 21.84 -42.03 -18.98
C ASP A 425 23.08 -41.30 -18.46
N ASP A 426 23.55 -41.59 -17.24
CA ASP A 426 24.47 -40.65 -16.56
C ASP A 426 25.99 -40.65 -16.78
N ASN A 427 26.62 -41.82 -16.97
CA ASN A 427 28.07 -42.01 -16.73
C ASN A 427 28.22 -42.90 -15.49
N LEU A 428 27.88 -44.16 -15.71
CA LEU A 428 27.76 -45.16 -14.65
C LEU A 428 29.11 -45.75 -14.24
N THR A 429 30.17 -45.43 -15.01
CA THR A 429 31.57 -45.74 -14.60
C THR A 429 32.06 -44.75 -13.53
N GLU A 430 31.53 -43.54 -13.57
CA GLU A 430 31.81 -42.59 -12.50
C GLU A 430 31.07 -43.09 -11.27
N VAL A 431 29.83 -43.50 -11.50
CA VAL A 431 28.94 -43.97 -10.44
C VAL A 431 29.51 -45.17 -9.67
N GLN A 432 29.63 -46.30 -10.34
CA GLN A 432 30.05 -47.55 -9.69
C GLN A 432 31.38 -47.43 -8.94
N THR A 433 32.33 -46.67 -9.50
CA THR A 433 33.60 -46.41 -8.81
C THR A 433 33.39 -45.93 -7.38
N ILE A 434 32.67 -44.81 -7.26
CA ILE A 434 32.47 -44.10 -6.01
C ILE A 434 31.65 -44.98 -5.10
N VAL A 435 30.76 -45.76 -5.68
CA VAL A 435 29.96 -46.65 -4.86
C VAL A 435 30.89 -47.69 -4.28
N GLU A 436 31.76 -48.24 -5.14
CA GLU A 436 32.76 -49.25 -4.71
C GLU A 436 33.55 -48.78 -3.50
N GLN A 437 34.15 -47.61 -3.63
CA GLN A 437 34.90 -46.96 -2.55
C GLN A 437 34.13 -46.87 -1.22
N VAL A 438 32.91 -46.32 -1.30
CA VAL A 438 32.05 -46.04 -0.14
C VAL A 438 31.56 -47.31 0.54
N LYS A 439 31.43 -48.37 -0.26
CA LYS A 439 30.84 -49.62 0.19
C LYS A 439 31.70 -50.22 1.30
N GLU A 440 33.02 -50.10 1.12
CA GLU A 440 33.96 -50.54 2.12
C GLU A 440 33.75 -49.82 3.44
N LYS A 441 33.63 -48.49 3.37
CA LYS A 441 33.48 -47.68 4.58
C LYS A 441 32.06 -47.67 5.16
N THR A 442 31.03 -47.98 4.35
CA THR A 442 29.64 -47.87 4.87
C THR A 442 28.83 -49.14 5.13
N ASN A 443 28.33 -49.78 4.07
CA ASN A 443 27.25 -50.82 4.14
C ASN A 443 25.76 -50.29 4.10
N HIS A 444 25.42 -49.25 4.86
CA HIS A 444 24.12 -48.59 4.67
C HIS A 444 24.14 -47.72 3.43
N ILE A 445 24.14 -48.32 2.25
CA ILE A 445 23.91 -47.54 1.03
C ILE A 445 22.63 -48.05 0.35
N GLN A 446 21.73 -47.14 -0.03
CA GLN A 446 20.56 -47.51 -0.81
C GLN A 446 20.78 -46.62 -2.02
N ALA A 447 19.90 -46.67 -3.01
CA ALA A 447 20.05 -45.83 -4.23
C ALA A 447 18.76 -45.61 -5.01
N LEU A 448 18.76 -44.58 -5.86
CA LEU A 448 17.55 -44.08 -6.56
C LEU A 448 17.80 -43.97 -8.07
N ALA A 449 17.23 -44.92 -8.83
CA ALA A 449 17.62 -45.02 -10.26
C ALA A 449 16.48 -44.81 -11.23
N HIS A 450 16.67 -43.84 -12.11
CA HIS A 450 15.70 -43.50 -13.12
C HIS A 450 16.07 -44.09 -14.49
N SER A 451 15.12 -44.83 -15.07
CA SER A 451 15.28 -45.44 -16.37
C SER A 451 14.00 -45.32 -17.21
N THR A 452 14.16 -45.16 -18.51
CA THR A 452 13.15 -45.58 -19.47
C THR A 452 13.04 -47.13 -19.47
N VAL A 453 11.83 -47.69 -19.57
CA VAL A 453 11.66 -49.17 -19.65
C VAL A 453 12.60 -49.86 -20.66
N GLY A 454 13.24 -50.96 -20.24
CA GLY A 454 14.15 -51.71 -21.12
C GLY A 454 15.59 -51.22 -21.14
N GLN A 455 15.93 -50.41 -20.15
CA GLN A 455 17.32 -50.14 -19.87
C GLN A 455 17.70 -51.09 -18.74
N THR A 456 18.98 -51.46 -18.68
CA THR A 456 19.45 -52.40 -17.68
C THR A 456 20.61 -51.82 -16.90
N LEU A 457 20.73 -52.30 -15.67
CA LEU A 457 21.85 -51.95 -14.81
C LEU A 457 23.15 -52.69 -15.13
N PRO A 458 24.14 -52.01 -15.75
CA PRO A 458 25.49 -52.57 -15.83
C PRO A 458 25.93 -53.25 -14.55
N ILE A 459 26.69 -54.34 -14.67
CA ILE A 459 27.02 -55.25 -13.55
C ILE A 459 25.68 -55.89 -13.08
N PRO A 460 25.34 -57.14 -13.52
CA PRO A 460 24.18 -57.85 -12.85
C PRO A 460 24.48 -58.13 -11.34
N LEU A 461 25.79 -58.29 -11.10
CA LEU A 461 26.51 -58.05 -9.83
C LEU A 461 26.51 -56.56 -9.38
N LYS A 462 25.67 -55.72 -10.01
CA LYS A 462 25.49 -54.33 -9.59
C LYS A 462 24.82 -54.32 -8.24
N LYS A 463 24.47 -55.53 -7.79
CA LYS A 463 24.18 -55.87 -6.39
C LYS A 463 25.30 -55.43 -5.42
N LEU A 464 26.01 -54.34 -5.76
CA LEU A 464 26.51 -53.39 -4.76
C LEU A 464 25.26 -52.82 -4.07
N PHE A 465 24.19 -52.63 -4.85
CA PHE A 465 22.88 -52.35 -4.29
C PHE A 465 22.02 -53.59 -4.37
N PRO A 466 21.79 -54.26 -3.22
CA PRO A 466 20.76 -55.31 -3.24
C PRO A 466 19.46 -54.83 -3.93
N SER A 467 18.53 -54.20 -3.19
CA SER A 467 17.14 -53.91 -3.69
C SER A 467 16.80 -52.42 -3.88
N ILE A 468 17.58 -51.78 -4.76
CA ILE A 468 17.28 -50.48 -5.34
C ILE A 468 15.82 -49.96 -5.33
N ILE A 469 15.73 -48.64 -5.40
CA ILE A 469 14.52 -47.94 -5.81
C ILE A 469 14.70 -47.63 -7.30
N SER A 470 14.31 -48.60 -8.12
CA SER A 470 14.32 -48.42 -9.56
C SER A 470 13.02 -47.70 -9.80
N ILE A 471 13.09 -46.65 -10.61
CA ILE A 471 11.90 -45.95 -11.07
C ILE A 471 11.97 -45.85 -12.56
N THR A 472 11.02 -46.52 -13.17
CA THR A 472 11.13 -46.82 -14.57
C THR A 472 9.94 -46.16 -15.23
N TRP A 473 10.25 -45.35 -16.25
CA TRP A 473 9.37 -44.39 -16.88
C TRP A 473 8.94 -44.90 -18.27
N PRO A 474 7.63 -45.17 -18.49
CA PRO A 474 7.10 -45.49 -19.82
C PRO A 474 7.77 -44.64 -20.91
N LEU A 475 7.88 -45.12 -22.14
CA LEU A 475 8.24 -44.22 -23.27
C LEU A 475 7.12 -43.18 -23.49
N LEU A 476 7.51 -41.93 -23.72
CA LEU A 476 6.58 -40.86 -24.04
C LEU A 476 7.09 -40.07 -25.23
N PHE A 477 6.14 -39.54 -26.01
CA PHE A 477 6.45 -38.86 -27.28
C PHE A 477 6.92 -37.41 -27.09
N PHE A 478 8.18 -37.26 -26.70
CA PHE A 478 8.82 -35.94 -26.60
C PHE A 478 9.33 -35.52 -27.98
N GLU A 479 9.41 -34.22 -28.23
CA GLU A 479 9.99 -33.75 -29.50
C GLU A 479 11.14 -32.74 -29.35
N TYR A 480 11.34 -32.15 -28.18
CA TYR A 480 12.49 -31.27 -28.02
C TYR A 480 13.72 -32.08 -27.68
N GLU A 481 14.85 -31.52 -28.10
CA GLU A 481 16.16 -32.19 -28.10
C GLU A 481 16.53 -32.82 -26.73
N GLY A 482 16.67 -32.02 -25.67
CA GLY A 482 17.03 -32.54 -24.32
C GLY A 482 15.94 -33.31 -23.55
N ASN A 483 14.80 -33.58 -24.23
CA ASN A 483 13.64 -34.34 -23.69
C ASN A 483 13.18 -33.76 -22.32
N PHE A 484 12.68 -32.54 -22.36
CA PHE A 484 12.48 -31.80 -21.14
C PHE A 484 11.40 -32.44 -20.24
N ILE A 485 10.34 -32.98 -20.81
CA ILE A 485 9.29 -33.64 -20.01
C ILE A 485 9.85 -34.81 -19.15
N GLN A 486 10.83 -35.50 -19.68
CA GLN A 486 11.46 -36.60 -18.91
C GLN A 486 12.30 -36.05 -17.75
N LYS A 487 12.96 -34.93 -17.97
CA LYS A 487 13.77 -34.33 -16.90
C LYS A 487 12.83 -33.90 -15.75
N PHE A 488 11.79 -33.12 -16.09
CA PHE A 488 10.81 -32.63 -15.05
C PHE A 488 10.17 -33.74 -14.26
N GLN A 489 9.77 -34.81 -14.92
CA GLN A 489 9.26 -36.01 -14.18
C GLN A 489 10.21 -36.54 -13.14
N ARG A 490 11.47 -36.55 -13.51
CA ARG A 490 12.47 -37.23 -12.66
C ARG A 490 12.89 -36.38 -11.44
N GLU A 491 13.23 -35.13 -11.73
CA GLU A 491 13.33 -34.08 -10.73
C GLU A 491 12.16 -34.10 -9.79
N LEU A 492 10.94 -34.01 -10.31
CA LEU A 492 9.78 -34.01 -9.39
C LEU A 492 9.75 -35.29 -8.52
N SER A 493 9.98 -36.44 -9.16
CA SER A 493 9.89 -37.73 -8.42
C SER A 493 10.98 -37.82 -7.33
N THR A 494 12.19 -37.39 -7.68
CA THR A 494 13.32 -37.35 -6.70
C THR A 494 12.97 -36.41 -5.53
N LYS A 495 12.54 -35.20 -5.91
CA LYS A 495 12.03 -34.24 -4.90
C LYS A 495 11.11 -34.90 -3.93
N TRP A 496 10.10 -35.60 -4.45
CA TRP A 496 9.17 -36.27 -3.55
C TRP A 496 9.85 -37.31 -2.70
N VAL A 497 10.79 -38.05 -3.29
CA VAL A 497 11.40 -39.11 -2.50
C VAL A 497 12.21 -38.51 -1.37
N LEU A 498 13.09 -37.63 -1.75
CA LEU A 498 13.96 -37.00 -0.77
C LEU A 498 13.16 -36.23 0.29
N ASN A 499 12.24 -35.34 -0.12
CA ASN A 499 11.36 -34.61 0.83
C ASN A 499 10.71 -35.58 1.85
N THR A 500 10.19 -36.70 1.36
CA THR A 500 9.47 -37.63 2.24
C THR A 500 10.41 -38.36 3.18
N VAL A 501 11.61 -38.64 2.69
CA VAL A 501 12.63 -39.34 3.50
C VAL A 501 13.14 -38.37 4.56
N SER A 502 13.64 -37.22 4.09
CA SER A 502 14.28 -36.28 5.02
C SER A 502 13.30 -35.93 6.11
N THR A 503 12.07 -35.62 5.69
CA THR A 503 11.05 -35.20 6.65
C THR A 503 10.67 -36.37 7.55
N GLY A 504 10.51 -37.56 6.96
CA GLY A 504 10.14 -38.75 7.75
C GLY A 504 11.21 -39.13 8.77
N ALA A 505 12.48 -39.07 8.36
CA ALA A 505 13.61 -39.42 9.26
C ALA A 505 13.55 -38.60 10.56
N HIS A 506 13.19 -37.32 10.45
CA HIS A 506 13.07 -36.45 11.63
C HIS A 506 11.84 -36.66 12.46
N VAL A 507 10.74 -37.07 11.83
CA VAL A 507 9.53 -37.30 12.61
C VAL A 507 9.72 -38.56 13.49
N LEU A 508 10.44 -39.52 12.93
CA LEU A 508 10.73 -40.73 13.67
C LEU A 508 11.53 -40.42 14.93
N LEU A 509 12.47 -39.46 14.85
CA LEU A 509 13.28 -39.05 16.01
C LEU A 509 12.51 -38.29 17.06
N GLY A 510 11.21 -38.10 16.84
CA GLY A 510 10.33 -37.47 17.85
C GLY A 510 10.47 -35.95 17.94
N LYS A 511 11.03 -35.32 16.91
CA LYS A 511 11.24 -33.87 16.89
C LYS A 511 10.02 -33.02 16.46
N ILE A 512 8.92 -33.69 16.07
CA ILE A 512 7.73 -33.05 15.57
C ILE A 512 6.58 -33.41 16.51
N LEU A 513 5.75 -32.42 16.81
CA LEU A 513 4.64 -32.55 17.72
C LEU A 513 3.29 -32.51 16.99
N GLN A 514 2.52 -33.60 17.10
CA GLN A 514 1.41 -33.87 16.19
C GLN A 514 1.89 -33.71 14.74
N ASN A 515 1.51 -32.62 14.07
CA ASN A 515 2.08 -32.31 12.76
C ASN A 515 2.62 -30.87 12.66
N HIS A 516 3.25 -30.45 13.76
CA HIS A 516 3.87 -29.14 13.89
C HIS A 516 5.34 -29.30 14.30
N MET A 517 6.18 -28.40 13.79
CA MET A 517 7.52 -28.29 14.25
C MET A 517 7.51 -27.16 15.24
N LEU A 518 7.34 -27.51 16.51
CA LEU A 518 7.23 -26.52 17.57
C LEU A 518 8.52 -25.75 17.75
N ASP A 519 9.63 -26.46 17.72
CA ASP A 519 10.93 -25.94 18.16
C ASP A 519 11.68 -25.42 16.97
N LEU A 520 11.09 -24.48 16.26
CA LEU A 520 11.80 -23.89 15.15
C LEU A 520 12.57 -22.66 15.58
N ARG A 521 13.43 -22.24 14.66
CA ARG A 521 14.24 -21.09 14.89
C ARG A 521 13.58 -19.91 14.22
N ILE A 522 13.26 -18.86 14.99
CA ILE A 522 12.62 -17.69 14.40
C ILE A 522 13.57 -16.79 13.60
N SER A 523 13.52 -16.90 12.27
CA SER A 523 14.48 -16.17 11.38
C SER A 523 13.85 -15.22 10.36
N ASN A 524 12.54 -15.16 10.38
CA ASN A 524 11.83 -14.15 9.60
C ASN A 524 10.52 -13.93 10.24
N SER A 525 9.78 -12.93 9.76
CA SER A 525 8.54 -12.50 10.36
C SER A 525 7.44 -13.61 10.29
N LYS A 526 7.37 -14.31 9.16
CA LYS A 526 6.42 -15.42 9.03
C LYS A 526 6.61 -16.48 10.09
N LEU A 527 7.86 -16.86 10.32
CA LEU A 527 8.21 -17.78 11.35
C LEU A 527 7.83 -17.27 12.78
N PHE A 528 7.95 -15.96 12.97
CA PHE A 528 7.52 -15.35 14.20
C PHE A 528 5.99 -15.54 14.33
N TRP A 529 5.22 -15.30 13.25
CA TRP A 529 3.75 -15.50 13.37
C TRP A 529 3.42 -16.91 13.56
N ARG A 530 4.17 -17.81 12.90
CA ARG A 530 3.93 -19.26 13.10
C ARG A 530 4.15 -19.64 14.55
N ALA A 531 5.15 -19.03 15.18
CA ALA A 531 5.46 -19.42 16.58
C ALA A 531 4.31 -19.01 17.47
N LEU A 532 3.83 -17.79 17.26
CA LEU A 532 2.80 -17.23 18.15
C LEU A 532 1.51 -18.03 17.99
N ALA A 533 1.15 -18.28 16.76
CA ALA A 533 0.09 -19.24 16.43
C ALA A 533 0.23 -20.61 17.17
N MET A 534 1.43 -21.16 17.16
CA MET A 534 1.63 -22.46 17.77
C MET A 534 1.50 -22.35 19.29
N LEU A 535 1.98 -21.25 19.86
CA LEU A 535 1.76 -20.99 21.27
C LEU A 535 0.26 -20.90 21.60
N GLN A 536 -0.55 -20.17 20.82
CA GLN A 536 -2.00 -20.15 21.10
C GLN A 536 -2.63 -21.53 21.02
N ARG A 537 -2.27 -22.31 20.02
CA ARG A 537 -2.89 -23.62 19.81
C ARG A 537 -2.52 -24.61 20.92
N PHE A 538 -1.26 -24.70 21.29
CA PHE A 538 -0.86 -25.64 22.29
C PHE A 538 -1.19 -25.20 23.72
N SER A 539 -1.26 -23.90 24.00
CA SER A 539 -1.55 -23.46 25.38
C SER A 539 -3.03 -23.27 25.62
N GLY A 540 -3.76 -22.80 24.61
CA GLY A 540 -5.17 -22.48 24.70
C GLY A 540 -5.39 -21.13 25.41
N GLN A 541 -4.32 -20.41 25.69
CA GLN A 541 -4.39 -19.19 26.49
C GLN A 541 -4.39 -18.02 25.57
N SER A 542 -4.61 -16.83 26.16
CA SER A 542 -5.08 -15.70 25.38
C SER A 542 -3.99 -15.29 24.41
N LYS A 543 -4.37 -14.49 23.42
CA LYS A 543 -3.39 -13.87 22.51
C LYS A 543 -2.36 -13.07 23.30
N ALA A 544 -2.85 -12.28 24.26
CA ALA A 544 -2.00 -11.31 24.97
C ALA A 544 -0.99 -12.04 25.84
N ARG A 545 -1.44 -13.13 26.47
CA ARG A 545 -0.52 -13.98 27.23
C ARG A 545 0.51 -14.65 26.30
N CYS A 546 0.04 -15.19 25.20
CA CYS A 546 0.94 -15.84 24.29
C CYS A 546 1.94 -14.84 23.77
N ILE A 547 1.51 -13.65 23.39
CA ILE A 547 2.45 -12.67 22.86
C ILE A 547 3.48 -12.31 23.90
N GLU A 548 3.02 -12.16 25.14
CA GLU A 548 3.93 -11.79 26.24
C GLU A 548 4.93 -12.85 26.52
N SER A 549 4.49 -14.10 26.56
CA SER A 549 5.45 -15.16 26.80
C SER A 549 6.59 -15.26 25.74
N LEU A 550 6.22 -15.12 24.48
CA LEU A 550 7.14 -15.17 23.36
C LEU A 550 8.15 -14.05 23.41
N LEU A 551 7.69 -12.81 23.60
CA LEU A 551 8.62 -11.70 23.76
C LEU A 551 9.53 -11.84 24.98
N ARG A 552 9.02 -12.33 26.10
CA ARG A 552 9.90 -12.55 27.26
C ARG A 552 10.97 -13.60 26.92
N ALA A 553 10.53 -14.73 26.34
CA ALA A 553 11.49 -15.77 25.96
C ALA A 553 12.51 -15.24 24.97
N ILE A 554 12.07 -14.41 24.04
CA ILE A 554 13.02 -13.89 23.07
C ILE A 554 14.03 -12.95 23.67
N HIS A 555 13.59 -12.02 24.50
CA HIS A 555 14.51 -11.01 24.98
C HIS A 555 15.11 -11.22 26.35
N PHE A 556 14.69 -12.22 27.10
CA PHE A 556 15.35 -12.59 28.36
C PHE A 556 16.83 -12.51 28.09
N PRO A 557 17.62 -11.94 29.02
CA PRO A 557 17.26 -11.48 30.37
C PRO A 557 16.63 -10.06 30.47
N GLN A 558 16.38 -9.40 29.34
CA GLN A 558 15.79 -8.10 29.38
C GLN A 558 14.29 -8.26 29.64
N PRO A 559 13.74 -7.55 30.64
CA PRO A 559 12.28 -7.51 30.79
C PRO A 559 11.60 -6.80 29.61
N LEU A 560 10.31 -6.99 29.51
CA LEU A 560 9.43 -6.22 28.63
C LEU A 560 9.36 -4.73 28.93
N SER A 561 9.61 -3.94 27.92
CA SER A 561 9.55 -2.48 28.07
C SER A 561 8.59 -2.08 27.00
N ASP A 562 8.12 -0.86 27.05
CA ASP A 562 7.17 -0.41 26.08
C ASP A 562 7.83 -0.40 24.68
N ASP A 563 9.13 -0.13 24.62
CA ASP A 563 9.83 -0.08 23.35
C ASP A 563 9.81 -1.48 22.69
N ILE A 564 10.09 -2.51 23.48
CA ILE A 564 10.14 -3.87 23.03
C ILE A 564 8.76 -4.22 22.63
N ARG A 565 7.76 -3.84 23.40
CA ARG A 565 6.41 -4.23 23.01
C ARG A 565 5.99 -3.61 21.65
N ALA A 566 6.49 -2.39 21.37
CA ALA A 566 6.07 -1.64 20.19
C ALA A 566 7.06 -1.79 19.06
N ALA A 567 8.11 -2.56 19.29
CA ALA A 567 9.12 -2.67 18.27
C ALA A 567 8.64 -3.36 16.96
N PRO A 568 9.34 -3.11 15.85
CA PRO A 568 9.05 -3.82 14.63
C PRO A 568 9.35 -5.30 14.80
N ILE A 569 8.58 -6.13 14.13
CA ILE A 569 8.78 -7.56 14.32
C ILE A 569 10.22 -7.94 13.97
N SER A 570 10.82 -7.24 13.02
CA SER A 570 12.23 -7.55 12.69
C SER A 570 13.19 -7.49 13.92
N CYS A 571 12.87 -6.67 14.92
CA CYS A 571 13.67 -6.60 16.14
C CYS A 571 13.60 -7.92 16.91
N HIS A 572 12.40 -8.44 17.07
CA HIS A 572 12.24 -9.74 17.70
C HIS A 572 12.92 -10.88 16.91
N VAL A 573 12.76 -10.90 15.60
CA VAL A 573 13.42 -11.88 14.77
C VAL A 573 14.94 -11.82 14.98
N GLN A 574 15.52 -10.63 14.89
CA GLN A 574 16.96 -10.52 14.95
C GLN A 574 17.51 -11.13 16.23
N VAL A 575 16.79 -10.93 17.35
CA VAL A 575 17.24 -11.44 18.64
C VAL A 575 16.96 -12.95 18.71
N ALA A 576 15.75 -13.38 18.40
CA ALA A 576 15.40 -14.82 18.48
C ALA A 576 16.24 -15.74 17.57
N HIS A 577 16.64 -15.24 16.42
CA HIS A 577 17.35 -16.02 15.45
C HIS A 577 18.63 -16.59 16.09
N GLU A 578 19.17 -15.87 17.09
CA GLU A 578 20.38 -16.27 17.81
C GLU A 578 20.19 -17.22 18.97
N LYS A 579 18.97 -17.59 19.35
CA LYS A 579 18.79 -18.39 20.54
C LYS A 579 18.23 -19.78 20.20
N GLU A 580 18.13 -20.62 21.22
CA GLU A 580 17.76 -22.02 21.13
C GLU A 580 16.53 -22.17 21.94
N GLN A 581 15.63 -23.04 21.56
CA GLN A 581 14.48 -23.38 22.40
C GLN A 581 13.58 -22.22 22.85
N VAL A 582 13.64 -21.09 22.17
CA VAL A 582 12.72 -19.98 22.32
C VAL A 582 11.29 -20.45 22.49
N ILE A 583 10.80 -21.22 21.54
CA ILE A 583 9.40 -21.51 21.57
C ILE A 583 9.01 -22.49 22.66
N PRO A 584 9.73 -23.60 22.79
CA PRO A 584 9.44 -24.45 23.96
C PRO A 584 9.52 -23.71 25.34
N ILE A 585 10.55 -22.91 25.55
CA ILE A 585 10.61 -22.10 26.80
C ILE A 585 9.38 -21.25 26.95
N ALA A 586 9.00 -20.56 25.87
CA ALA A 586 7.78 -19.74 25.95
C ALA A 586 6.53 -20.58 26.23
N LEU A 587 6.46 -21.78 25.69
CA LEU A 587 5.28 -22.58 25.93
C LEU A 587 5.28 -23.11 27.36
N LEU A 588 6.43 -23.58 27.86
CA LEU A 588 6.54 -24.00 29.27
C LEU A 588 6.12 -22.89 30.23
N SER A 589 6.60 -21.68 30.01
CA SER A 589 6.25 -20.56 30.88
C SER A 589 4.74 -20.35 30.94
N LEU A 590 4.06 -20.58 29.82
CA LEU A 590 2.62 -20.46 29.72
C LEU A 590 1.92 -21.59 30.44
N LEU A 591 2.33 -22.82 30.18
CA LEU A 591 1.65 -23.99 30.75
C LEU A 591 1.82 -24.05 32.27
N PHE A 592 3.01 -23.78 32.79
CA PHE A 592 3.22 -23.76 34.25
C PHE A 592 2.91 -22.38 34.89
N ARG A 593 2.35 -21.48 34.09
CA ARG A 593 2.13 -20.11 34.48
C ARG A 593 3.24 -19.61 35.29
N CYS A 594 4.46 -19.76 34.80
CA CYS A 594 5.67 -19.43 35.57
C CYS A 594 6.55 -18.48 34.79
N SER A 595 7.61 -17.99 35.44
CA SER A 595 8.54 -17.05 34.82
C SER A 595 9.48 -17.74 33.80
N ILE A 596 10.24 -16.93 33.06
CA ILE A 596 11.18 -17.45 32.12
C ILE A 596 12.33 -18.12 32.90
N THR A 597 12.71 -17.53 34.01
CA THR A 597 13.75 -18.09 34.84
C THR A 597 13.33 -19.52 35.26
N GLU A 598 12.07 -19.65 35.66
CA GLU A 598 11.55 -20.94 36.09
C GLU A 598 11.40 -21.94 34.95
N ALA A 599 11.09 -21.47 33.75
CA ALA A 599 10.88 -22.38 32.66
C ALA A 599 12.19 -22.88 32.11
N GLN A 600 13.21 -22.04 32.01
CA GLN A 600 14.55 -22.51 31.64
C GLN A 600 15.10 -23.51 32.63
N ALA A 601 14.86 -23.30 33.92
CA ALA A 601 15.42 -24.23 34.89
C ALA A 601 14.73 -25.59 34.72
N HIS A 602 13.43 -25.58 34.48
CA HIS A 602 12.70 -26.79 34.29
C HIS A 602 13.15 -27.49 32.99
N LEU A 603 13.39 -26.72 31.94
CA LEU A 603 13.84 -27.37 30.73
C LEU A 603 15.18 -28.03 30.97
N ALA A 604 16.13 -27.32 31.55
CA ALA A 604 17.42 -27.93 31.89
C ALA A 604 17.26 -29.13 32.84
N ALA A 605 16.22 -29.18 33.65
CA ALA A 605 16.05 -30.31 34.53
C ALA A 605 15.46 -31.52 33.80
N ALA A 606 14.98 -31.34 32.57
CA ALA A 606 14.31 -32.44 31.90
C ALA A 606 15.28 -33.29 31.05
N PRO A 607 14.94 -34.56 30.83
CA PRO A 607 15.76 -35.41 29.95
C PRO A 607 15.96 -34.86 28.54
N SER A 608 14.92 -34.24 27.97
CA SER A 608 15.05 -33.60 26.66
C SER A 608 13.96 -32.55 26.43
N VAL A 609 14.24 -31.64 25.49
CA VAL A 609 13.25 -30.65 25.07
C VAL A 609 11.91 -31.34 24.84
N CYS A 610 11.90 -32.33 23.94
CA CYS A 610 10.65 -32.99 23.52
C CYS A 610 9.90 -33.62 24.68
N GLU A 611 10.63 -34.17 25.65
CA GLU A 611 9.98 -34.83 26.77
C GLU A 611 9.44 -33.79 27.72
N ALA A 612 10.25 -32.75 27.97
CA ALA A 612 9.78 -31.59 28.75
C ALA A 612 8.47 -31.08 28.18
N VAL A 613 8.44 -30.83 26.88
CA VAL A 613 7.24 -30.28 26.26
C VAL A 613 6.08 -31.24 26.32
N ARG A 614 6.28 -32.46 25.86
CA ARG A 614 5.19 -33.44 25.81
C ARG A 614 4.64 -33.78 27.20
N SER A 615 5.48 -33.84 28.22
CA SER A 615 4.96 -34.12 29.55
C SER A 615 4.28 -32.85 30.14
N ALA A 616 4.81 -31.68 29.84
CA ALA A 616 4.09 -30.44 30.17
C ALA A 616 2.71 -30.36 29.47
N LEU A 617 2.65 -30.70 28.19
CA LEU A 617 1.34 -30.79 27.56
C LEU A 617 0.43 -31.78 28.28
N ALA A 618 0.97 -32.84 28.85
CA ALA A 618 0.15 -33.86 29.56
C ALA A 618 0.07 -33.67 31.09
N MET B 13 -21.74 -10.13 -3.40
CA MET B 13 -22.40 -9.21 -4.36
C MET B 13 -21.32 -8.43 -5.12
N PRO B 14 -21.58 -8.05 -6.38
CA PRO B 14 -20.64 -7.13 -7.03
C PRO B 14 -20.69 -5.74 -6.38
N GLY B 15 -19.57 -5.04 -6.37
CA GLY B 15 -19.44 -3.77 -5.63
C GLY B 15 -19.08 -3.89 -4.15
N THR B 16 -19.09 -5.08 -3.54
CA THR B 16 -18.86 -5.14 -2.07
C THR B 16 -17.47 -4.61 -1.67
N LYS B 17 -16.40 -5.04 -2.33
CA LYS B 17 -15.08 -4.47 -2.08
C LYS B 17 -15.12 -2.93 -2.15
N ARG B 18 -15.74 -2.35 -3.19
CA ARG B 18 -15.59 -0.91 -3.44
C ARG B 18 -16.25 -0.07 -2.37
N PHE B 19 -17.20 -0.65 -1.64
CA PHE B 19 -18.01 0.10 -0.72
C PHE B 19 -17.84 -0.28 0.72
N GLN B 20 -16.86 -1.12 0.99
CA GLN B 20 -16.69 -1.72 2.31
C GLN B 20 -16.26 -0.74 3.35
N HIS B 21 -15.33 0.12 3.01
CA HIS B 21 -14.98 1.14 4.03
C HIS B 21 -16.21 1.99 4.49
N VAL B 22 -17.33 1.96 3.78
CA VAL B 22 -18.44 2.83 4.11
C VAL B 22 -19.18 2.28 5.29
N ILE B 23 -19.43 3.10 6.32
CA ILE B 23 -20.12 2.62 7.51
C ILE B 23 -21.65 2.72 7.34
N GLU B 24 -22.38 1.80 7.98
CA GLU B 24 -23.83 1.69 7.80
C GLU B 24 -24.59 2.92 8.30
N THR B 25 -25.69 3.25 7.69
CA THR B 25 -26.40 4.41 8.18
C THR B 25 -26.95 4.02 9.53
N PRO B 26 -26.68 4.82 10.57
CA PRO B 26 -27.17 4.63 11.96
C PRO B 26 -28.68 4.85 12.09
N GLU B 27 -29.31 4.23 13.08
CA GLU B 27 -30.76 4.39 13.21
C GLU B 27 -31.02 5.75 13.88
N PRO B 28 -32.22 6.31 13.66
CA PRO B 28 -32.57 7.60 14.26
C PRO B 28 -32.17 7.70 15.74
N GLY B 29 -31.63 8.83 16.14
CA GLY B 29 -31.16 8.99 17.51
C GLY B 29 -29.91 8.18 17.85
N LYS B 30 -29.33 7.48 16.88
CA LYS B 30 -28.14 6.71 17.23
C LYS B 30 -26.92 7.18 16.45
N TRP B 31 -27.01 8.32 15.76
CA TRP B 31 -25.88 8.86 14.98
C TRP B 31 -24.68 9.00 15.90
N GLU B 32 -24.94 9.59 17.06
CA GLU B 32 -23.96 9.69 18.12
C GLU B 32 -23.61 8.31 18.74
N LEU B 33 -24.65 7.67 19.28
CA LEU B 33 -24.54 6.38 20.01
C LEU B 33 -23.79 5.22 19.28
N SER B 34 -23.79 5.23 17.95
CA SER B 34 -23.12 4.21 17.12
C SER B 34 -21.69 4.58 16.69
N GLY B 35 -21.32 5.86 16.73
CA GLY B 35 -19.96 6.24 16.32
C GLY B 35 -19.64 6.04 14.83
N TYR B 36 -20.68 6.03 14.01
CA TYR B 36 -20.54 6.48 12.67
C TYR B 36 -19.85 7.86 12.77
N GLU B 37 -20.33 8.75 13.67
CA GLU B 37 -19.71 10.11 13.87
C GLU B 37 -18.26 10.08 14.17
N ALA B 38 -17.90 9.13 15.02
CA ALA B 38 -16.53 8.98 15.51
C ALA B 38 -15.60 8.74 14.35
N ALA B 39 -16.06 8.02 13.36
CA ALA B 39 -15.29 7.74 12.18
C ALA B 39 -15.37 8.84 11.10
N VAL B 40 -16.14 9.90 11.32
CA VAL B 40 -16.20 10.96 10.29
C VAL B 40 -15.01 11.85 10.51
N PRO B 41 -14.13 11.95 9.49
CA PRO B 41 -12.94 12.80 9.64
C PRO B 41 -13.30 14.21 10.03
N ILE B 42 -12.47 14.81 10.87
CA ILE B 42 -12.77 16.20 11.32
C ILE B 42 -13.03 17.05 10.11
N THR B 43 -12.21 16.88 9.07
CA THR B 43 -12.32 17.78 7.92
C THR B 43 -13.68 17.66 7.24
N GLU B 44 -14.32 16.49 7.40
CA GLU B 44 -15.66 16.26 6.85
C GLU B 44 -16.84 16.54 7.79
N LYS B 45 -16.60 16.72 9.07
CA LYS B 45 -17.75 16.81 9.98
C LYS B 45 -18.53 18.06 9.71
N SER B 46 -19.77 18.07 10.21
CA SER B 46 -20.54 19.27 10.33
C SER B 46 -20.02 20.05 11.54
N ASN B 47 -19.79 21.35 11.38
CA ASN B 47 -19.45 22.20 12.49
C ASN B 47 -20.68 22.59 13.30
N PRO B 48 -20.77 22.15 14.55
CA PRO B 48 -21.96 22.51 15.35
C PRO B 48 -22.25 24.06 15.37
N LEU B 49 -21.21 24.89 15.30
CA LEU B 49 -21.43 26.31 15.20
C LEU B 49 -22.31 26.74 14.04
N THR B 50 -22.29 26.00 12.92
CA THR B 50 -22.91 26.48 11.69
C THR B 50 -24.11 25.67 11.25
N GLN B 51 -24.69 24.93 12.16
CA GLN B 51 -25.85 24.08 11.87
C GLN B 51 -27.07 24.81 11.26
N ASP B 52 -27.26 26.06 11.62
CA ASP B 52 -28.32 26.89 11.05
C ASP B 52 -27.74 28.04 10.28
N LEU B 53 -26.64 27.77 9.60
CA LEU B 53 -26.05 28.74 8.72
C LEU B 53 -27.04 29.17 7.65
N ASP B 54 -27.83 28.21 7.13
CA ASP B 54 -28.83 28.50 6.12
C ASP B 54 -29.99 29.36 6.62
N LYS B 55 -30.05 29.63 7.92
CA LYS B 55 -31.10 30.50 8.48
C LYS B 55 -30.57 31.83 8.97
N ALA B 56 -29.29 32.11 8.75
CA ALA B 56 -28.66 33.24 9.36
C ALA B 56 -28.59 34.42 8.38
N ASP B 57 -28.70 35.64 8.93
CA ASP B 57 -28.57 36.85 8.15
C ASP B 57 -27.08 37.11 7.97
N ALA B 58 -26.74 38.13 7.19
CA ALA B 58 -25.34 38.32 6.79
C ALA B 58 -24.40 38.51 7.96
N GLU B 59 -24.82 39.37 8.88
CA GLU B 59 -23.94 39.74 9.98
C GLU B 59 -23.81 38.50 10.91
N ASN B 60 -24.81 37.64 10.94
CA ASN B 60 -24.67 36.40 11.68
C ASN B 60 -23.76 35.39 10.97
N ILE B 61 -23.85 35.32 9.64
CA ILE B 61 -22.89 34.55 8.85
C ILE B 61 -21.44 34.98 9.08
N VAL B 62 -21.18 36.29 9.12
CA VAL B 62 -19.83 36.76 9.37
C VAL B 62 -19.40 36.37 10.81
N ARG B 63 -20.32 36.49 11.75
CA ARG B 63 -19.98 36.16 13.12
C ARG B 63 -19.57 34.66 13.15
N LEU B 64 -20.34 33.79 12.52
CA LEU B 64 -20.08 32.35 12.70
C LEU B 64 -18.84 31.85 11.96
N LEU B 65 -18.69 32.33 10.73
CA LEU B 65 -17.48 31.97 10.01
C LEU B 65 -16.24 32.51 10.69
N GLY B 66 -16.33 33.71 11.27
CA GLY B 66 -15.22 34.30 11.99
C GLY B 66 -14.90 33.41 13.17
N GLN B 67 -15.93 32.91 13.83
CA GLN B 67 -15.68 31.94 14.89
C GLN B 67 -15.08 30.63 14.36
N CYS B 68 -15.55 30.09 13.22
CA CYS B 68 -14.94 28.83 12.68
C CYS B 68 -13.45 29.00 12.43
N ASP B 69 -13.11 30.07 11.74
CA ASP B 69 -11.71 30.50 11.54
C ASP B 69 -10.87 30.68 12.81
N ALA B 70 -11.48 31.19 13.88
CA ALA B 70 -10.72 31.36 15.14
C ALA B 70 -10.26 30.02 15.70
N GLU B 71 -10.99 28.94 15.39
CA GLU B 71 -10.70 27.57 15.88
C GLU B 71 -9.30 27.09 15.47
N ILE B 72 -8.77 27.74 14.44
CA ILE B 72 -7.42 27.39 14.01
C ILE B 72 -6.40 27.60 15.14
N PHE B 73 -6.63 28.62 15.97
CA PHE B 73 -5.63 29.05 16.96
C PHE B 73 -6.01 28.64 18.36
N GLN B 74 -7.17 28.02 18.50
CA GLN B 74 -7.65 27.50 19.74
C GLN B 74 -6.80 26.36 20.34
N GLU B 75 -6.51 26.46 21.63
CA GLU B 75 -5.58 25.55 22.29
C GLU B 75 -6.23 24.21 22.63
N GLU B 76 -5.40 23.18 22.75
CA GLU B 76 -5.85 21.82 23.16
C GLU B 76 -6.55 21.88 24.53
N GLY B 77 -7.77 21.34 24.65
CA GLY B 77 -8.49 21.33 25.94
C GLY B 77 -8.09 20.10 26.75
N GLN B 78 -9.08 19.45 27.38
CA GLN B 78 -8.91 18.15 28.10
C GLN B 78 -10.24 17.40 28.18
N SER B 81 -8.54 12.09 25.20
CA SER B 81 -9.71 12.95 25.16
C SER B 81 -9.77 13.68 23.81
N THR B 82 -8.73 14.45 23.52
CA THR B 82 -8.76 15.43 22.43
C THR B 82 -7.50 15.41 21.56
N TYR B 83 -7.64 16.09 20.45
CA TYR B 83 -6.67 16.05 19.39
C TYR B 83 -5.62 17.12 19.58
N GLN B 84 -4.43 16.79 19.19
CA GLN B 84 -3.32 17.73 19.01
C GLN B 84 -3.79 18.97 18.22
N ARG B 85 -3.32 20.16 18.60
CA ARG B 85 -3.64 21.41 17.92
C ARG B 85 -2.43 22.26 17.61
N LEU B 86 -2.67 23.41 16.97
CA LEU B 86 -1.62 24.25 16.42
C LEU B 86 -0.53 24.61 17.42
N TYR B 87 -0.97 25.03 18.60
CA TYR B 87 -0.12 25.47 19.71
C TYR B 87 0.33 24.30 20.62
N SER B 88 -0.13 23.08 20.36
CA SER B 88 0.29 21.91 21.15
C SER B 88 1.77 21.64 20.95
N GLU B 89 2.38 21.16 22.00
CA GLU B 89 3.82 21.06 22.08
C GLU B 89 4.42 20.10 21.04
N SER B 90 3.74 19.00 20.80
CA SER B 90 4.20 18.09 19.78
C SER B 90 4.21 18.74 18.37
N ILE B 91 3.21 19.56 18.08
CA ILE B 91 3.10 20.19 16.77
C ILE B 91 4.20 21.25 16.56
N LEU B 92 4.35 22.15 17.55
CA LEU B 92 5.48 23.12 17.63
C LEU B 92 6.83 22.46 17.54
N THR B 93 7.02 21.37 18.26
CA THR B 93 8.22 20.55 18.05
C THR B 93 8.34 20.03 16.59
N THR B 94 7.24 19.58 16.01
CA THR B 94 7.38 19.13 14.64
C THR B 94 7.76 20.25 13.71
N MET B 95 7.16 21.44 13.93
CA MET B 95 7.44 22.61 13.10
C MET B 95 8.90 22.94 13.16
N VAL B 96 9.51 22.82 14.35
CA VAL B 96 10.88 23.30 14.50
C VAL B 96 11.85 22.27 13.93
N GLN B 97 11.55 20.99 14.07
CA GLN B 97 12.46 19.99 13.50
C GLN B 97 12.48 20.08 11.95
N VAL B 98 11.31 20.27 11.37
CA VAL B 98 11.21 20.55 9.95
C VAL B 98 11.94 21.83 9.50
N ALA B 99 11.72 22.94 10.19
CA ALA B 99 12.44 24.19 9.91
C ALA B 99 13.90 23.92 9.83
N GLY B 100 14.38 23.07 10.75
CA GLY B 100 15.76 22.69 10.81
C GLY B 100 16.24 21.85 9.66
N LYS B 101 15.38 20.97 9.17
CA LYS B 101 15.74 20.20 7.97
C LYS B 101 15.87 21.12 6.75
N VAL B 102 14.96 22.09 6.70
CA VAL B 102 15.00 23.08 5.66
C VAL B 102 16.25 23.94 5.80
N GLN B 103 16.66 24.21 7.04
CA GLN B 103 17.95 24.89 7.24
C GLN B 103 19.09 24.11 6.60
N GLU B 104 19.08 22.79 6.66
CA GLU B 104 20.22 22.06 6.19
C GLU B 104 20.39 22.33 4.71
N VAL B 105 19.30 22.12 3.99
CA VAL B 105 19.24 22.38 2.57
C VAL B 105 19.62 23.82 2.24
N LEU B 106 19.10 24.78 3.00
CA LEU B 106 19.50 26.18 2.82
C LEU B 106 21.04 26.37 2.90
N LYS B 107 21.68 25.60 3.76
CA LYS B 107 23.14 25.76 4.02
C LYS B 107 24.02 25.10 2.97
N GLU B 108 23.46 24.19 2.17
CA GLU B 108 24.21 23.54 1.11
C GLU B 108 23.28 23.31 -0.04
N PRO B 109 23.01 24.38 -0.80
CA PRO B 109 22.07 24.37 -1.92
C PRO B 109 22.53 23.78 -3.25
N ASP B 110 23.77 23.43 -3.43
CA ASP B 110 24.10 22.70 -4.64
C ASP B 110 23.30 21.38 -4.63
N GLY B 111 22.26 21.35 -5.46
CA GLY B 111 21.42 20.18 -5.59
C GLY B 111 20.29 20.08 -4.57
N GLY B 112 19.90 21.21 -3.98
CA GLY B 112 18.78 21.20 -3.03
C GLY B 112 17.49 21.63 -3.70
N LEU B 113 16.36 21.11 -3.28
CA LEU B 113 15.09 21.65 -3.73
C LEU B 113 14.09 21.59 -2.62
N VAL B 114 13.19 22.55 -2.57
CA VAL B 114 12.09 22.41 -1.63
C VAL B 114 10.82 22.49 -2.39
N VAL B 115 10.10 21.37 -2.37
CA VAL B 115 8.88 21.25 -3.12
C VAL B 115 7.66 21.35 -2.22
N LEU B 116 6.72 22.20 -2.58
CA LEU B 116 5.44 22.29 -1.94
C LEU B 116 4.36 21.79 -2.89
N SER B 117 3.64 20.73 -2.51
CA SER B 117 2.73 20.00 -3.41
C SER B 117 1.31 19.76 -2.85
N GLY B 118 0.30 19.94 -3.68
CA GLY B 118 -0.99 19.33 -3.46
C GLY B 118 -2.02 19.61 -4.53
N GLY B 119 -3.25 19.25 -4.21
CA GLY B 119 -4.40 19.34 -5.16
C GLY B 119 -5.28 20.50 -4.80
N GLY B 120 -5.97 21.06 -5.79
CA GLY B 120 -6.94 22.11 -5.54
C GLY B 120 -6.28 23.24 -4.75
N THR B 121 -6.97 23.70 -3.72
CA THR B 121 -6.54 24.85 -2.97
C THR B 121 -5.24 24.54 -2.26
N SER B 122 -4.94 23.28 -1.97
CA SER B 122 -3.68 22.97 -1.34
C SER B 122 -2.55 23.28 -2.32
N GLY B 123 -2.78 23.06 -3.62
CA GLY B 123 -1.79 23.38 -4.66
C GLY B 123 -1.79 24.87 -4.90
N ARG B 124 -2.94 25.51 -4.86
CA ARG B 124 -2.93 26.95 -4.92
C ARG B 124 -2.07 27.55 -3.80
N MET B 125 -2.25 27.09 -2.57
CA MET B 125 -1.52 27.70 -1.46
C MET B 125 -0.06 27.35 -1.62
N ALA B 126 0.24 26.19 -2.19
CA ALA B 126 1.63 25.88 -2.53
C ALA B 126 2.29 26.84 -3.57
N PHE B 127 1.54 27.28 -4.54
CA PHE B 127 2.12 28.17 -5.56
C PHE B 127 2.51 29.49 -4.89
N LEU B 128 1.57 30.08 -4.20
CA LEU B 128 1.85 31.33 -3.56
C LEU B 128 3.08 31.31 -2.66
N MET B 129 3.19 30.32 -1.81
CA MET B 129 4.28 30.27 -0.86
C MET B 129 5.60 30.05 -1.57
N SER B 130 5.61 29.20 -2.61
CA SER B 130 6.77 29.04 -3.44
C SER B 130 7.27 30.41 -4.02
N VAL B 131 6.37 31.22 -4.53
CA VAL B 131 6.77 32.51 -5.03
C VAL B 131 7.29 33.36 -3.88
N SER B 132 6.51 33.48 -2.81
CA SER B 132 6.96 34.25 -1.64
C SER B 132 8.32 33.87 -1.19
N PHE B 133 8.60 32.61 -0.97
CA PHE B 133 9.96 32.26 -0.47
C PHE B 133 11.09 32.23 -1.51
N ASN B 134 10.77 32.09 -2.81
CA ASN B 134 11.80 32.31 -3.85
C ASN B 134 12.18 33.81 -3.93
N GLN B 135 11.21 34.72 -3.78
CA GLN B 135 11.44 36.14 -3.66
C GLN B 135 12.36 36.47 -2.45
N LEU B 136 12.05 35.89 -1.30
CA LEU B 136 12.91 36.03 -0.14
C LEU B 136 14.35 35.62 -0.39
N MET B 137 14.57 34.47 -1.01
CA MET B 137 15.93 34.08 -1.31
C MET B 137 16.65 35.02 -2.37
N LYS B 138 15.84 35.59 -3.25
CA LYS B 138 16.30 36.55 -4.24
C LYS B 138 16.81 37.82 -3.55
N GLY B 139 15.96 38.49 -2.77
CA GLY B 139 16.37 39.56 -1.87
C GLY B 139 17.60 39.30 -0.98
N LEU B 140 18.15 38.07 -0.94
CA LEU B 140 19.43 37.85 -0.28
C LEU B 140 20.47 37.40 -1.27
N GLY B 141 20.20 37.68 -2.54
CA GLY B 141 21.04 37.14 -3.62
C GLY B 141 21.35 35.66 -3.49
N GLN B 142 20.36 34.87 -3.09
CA GLN B 142 20.54 33.42 -3.05
C GLN B 142 19.75 32.80 -4.21
N LYS B 143 20.26 31.71 -4.73
CA LYS B 143 19.55 30.90 -5.73
C LYS B 143 18.16 30.51 -5.17
N PRO B 144 17.06 30.83 -5.90
CA PRO B 144 15.76 30.33 -5.40
C PRO B 144 15.72 28.78 -5.36
N LEU B 145 15.29 28.21 -4.26
CA LEU B 145 15.26 26.76 -4.12
C LEU B 145 13.87 26.15 -4.03
N TYR B 146 12.81 26.93 -4.05
CA TYR B 146 11.49 26.41 -3.85
C TYR B 146 10.80 26.17 -5.16
N THR B 147 9.98 25.11 -5.20
CA THR B 147 9.05 25.01 -6.28
C THR B 147 7.72 24.49 -5.78
N TYR B 148 6.80 24.36 -6.70
CA TYR B 148 5.45 23.98 -6.35
C TYR B 148 4.98 22.94 -7.37
N LEU B 149 3.95 22.21 -6.97
CA LEU B 149 3.38 21.13 -7.78
C LEU B 149 1.90 21.15 -7.43
N ILE B 150 1.04 21.22 -8.44
CA ILE B 150 -0.36 21.16 -8.27
C ILE B 150 -0.94 20.18 -9.29
N ALA B 151 -1.93 19.45 -8.79
CA ALA B 151 -2.59 18.36 -9.48
C ALA B 151 -3.12 18.93 -10.76
N GLY B 152 -2.66 18.35 -11.84
CA GLY B 152 -3.14 18.68 -13.19
C GLY B 152 -2.23 19.72 -13.87
N GLY B 153 -1.10 20.01 -13.24
CA GLY B 153 -0.09 20.97 -13.75
C GLY B 153 -0.52 22.44 -13.61
N ASP B 154 0.32 23.32 -14.15
CA ASP B 154 0.38 24.72 -13.67
C ASP B 154 -0.87 25.49 -13.91
N ARG B 155 -1.55 25.16 -15.00
CA ARG B 155 -2.86 25.74 -15.26
C ARG B 155 -3.90 25.50 -14.13
N SER B 156 -3.77 24.41 -13.37
CA SER B 156 -4.71 24.19 -12.25
C SER B 156 -4.72 25.35 -11.27
N VAL B 157 -3.66 26.17 -11.29
CA VAL B 157 -3.45 27.16 -10.27
C VAL B 157 -4.59 28.13 -10.22
N VAL B 158 -5.14 28.45 -11.41
CA VAL B 158 -6.17 29.45 -11.59
C VAL B 158 -7.44 28.88 -12.19
N ALA B 159 -7.59 27.56 -12.18
CA ALA B 159 -8.83 26.94 -12.70
C ALA B 159 -9.46 25.89 -11.77
N SER B 160 -10.71 25.60 -12.06
CA SER B 160 -11.46 24.58 -11.34
C SER B 160 -11.19 23.27 -12.00
N ARG B 161 -10.27 22.49 -11.46
CA ARG B 161 -9.85 21.19 -12.05
C ARG B 161 -9.88 20.03 -11.03
N GLU B 162 -11.08 19.79 -10.50
CA GLU B 162 -11.26 18.89 -9.31
C GLU B 162 -10.95 17.40 -9.58
N GLY B 163 -11.05 16.96 -10.84
CA GLY B 163 -10.73 15.55 -11.20
C GLY B 163 -9.26 15.14 -11.26
N THR B 164 -8.30 16.09 -11.23
CA THR B 164 -6.88 15.79 -11.46
C THR B 164 -6.16 15.25 -10.24
N GLU B 165 -6.82 15.28 -9.08
CA GLU B 165 -6.20 14.84 -7.81
C GLU B 165 -6.16 13.34 -7.46
N ASP B 166 -6.79 12.54 -8.31
CA ASP B 166 -7.21 11.17 -7.97
C ASP B 166 -6.20 10.16 -8.41
N SER B 167 -5.08 10.59 -8.90
CA SER B 167 -4.08 9.69 -9.46
C SER B 167 -2.77 9.78 -8.78
N ALA B 168 -2.28 8.68 -8.23
CA ALA B 168 -1.02 8.66 -7.50
C ALA B 168 0.17 8.72 -8.43
N LEU B 169 0.04 8.08 -9.60
CA LEU B 169 1.16 8.05 -10.52
C LEU B 169 1.46 9.40 -11.12
N HIS B 170 0.42 10.16 -11.42
CA HIS B 170 0.58 11.51 -11.85
C HIS B 170 1.32 12.41 -10.82
N GLY B 171 1.04 12.21 -9.52
CA GLY B 171 1.77 12.92 -8.46
C GLY B 171 3.26 12.58 -8.54
N ILE B 172 3.51 11.30 -8.72
CA ILE B 172 4.86 10.80 -8.74
C ILE B 172 5.59 11.28 -9.96
N GLU B 173 4.95 11.18 -11.11
CA GLU B 173 5.54 11.74 -12.33
C GLU B 173 5.88 13.22 -12.19
N GLU B 174 4.99 14.01 -11.62
CA GLU B 174 5.30 15.43 -11.50
C GLU B 174 6.49 15.66 -10.59
N LEU B 175 6.58 14.86 -9.53
CA LEU B 175 7.66 14.99 -8.58
C LEU B 175 8.97 14.60 -9.27
N LYS B 176 8.93 13.57 -10.11
CA LYS B 176 10.22 13.12 -10.71
C LYS B 176 10.76 14.12 -11.73
N LYS B 177 9.89 14.85 -12.39
CA LYS B 177 10.34 15.88 -13.33
C LYS B 177 11.12 16.99 -12.69
N VAL B 178 10.61 17.46 -11.58
CA VAL B 178 11.22 18.57 -10.88
C VAL B 178 12.44 18.06 -10.03
N ALA B 179 12.41 16.83 -9.56
CA ALA B 179 13.50 16.38 -8.70
C ALA B 179 14.62 15.79 -9.49
N ALA B 180 14.51 15.74 -10.81
CA ALA B 180 15.50 15.05 -11.62
C ALA B 180 16.91 15.63 -11.33
N GLY B 181 17.87 14.73 -11.12
CA GLY B 181 19.24 15.10 -10.83
C GLY B 181 19.59 15.81 -9.54
N LYS B 182 18.62 16.09 -8.64
CA LYS B 182 18.89 16.82 -7.39
C LYS B 182 19.40 15.83 -6.40
N LYS B 183 20.11 16.28 -5.35
CA LYS B 183 20.62 15.32 -4.34
C LYS B 183 19.90 15.40 -3.01
N ARG B 184 19.30 16.56 -2.70
CA ARG B 184 18.50 16.74 -1.48
C ARG B 184 17.21 17.42 -1.79
N VAL B 185 16.09 16.70 -1.59
CA VAL B 185 14.77 17.23 -1.89
C VAL B 185 13.90 17.10 -0.67
N ILE B 186 13.37 18.23 -0.21
CA ILE B 186 12.33 18.20 0.83
C ILE B 186 11.00 18.33 0.12
N VAL B 187 10.09 17.39 0.41
CA VAL B 187 8.81 17.37 -0.29
C VAL B 187 7.71 17.59 0.71
N ILE B 188 7.09 18.74 0.65
CA ILE B 188 6.03 19.07 1.53
C ILE B 188 4.71 18.80 0.82
N GLY B 189 4.13 17.68 1.22
CA GLY B 189 2.88 17.21 0.68
C GLY B 189 1.74 17.70 1.49
N ILE B 190 0.89 18.49 0.84
CA ILE B 190 -0.18 19.15 1.50
C ILE B 190 -1.56 18.63 1.10
N SER B 191 -2.30 18.05 2.06
CA SER B 191 -3.64 17.59 1.79
C SER B 191 -4.34 17.75 3.08
N VAL B 192 -5.29 18.65 3.09
CA VAL B 192 -6.01 19.00 4.24
C VAL B 192 -6.71 17.81 4.83
N GLY B 193 -7.45 17.06 4.01
CA GLY B 193 -8.13 15.89 4.53
C GLY B 193 -7.25 14.68 4.76
N LEU B 194 -5.95 14.78 4.55
CA LEU B 194 -5.09 13.59 4.40
C LEU B 194 -5.74 12.60 3.37
N SER B 195 -6.01 13.14 2.20
CA SER B 195 -6.94 12.55 1.33
C SER B 195 -6.41 12.30 -0.09
N ALA B 196 -5.63 13.26 -0.65
CA ALA B 196 -5.39 13.23 -2.10
C ALA B 196 -4.39 12.17 -2.57
N PRO B 197 -4.82 11.34 -3.54
CA PRO B 197 -3.90 10.34 -4.10
C PRO B 197 -2.67 10.96 -4.74
N PHE B 198 -2.87 12.10 -5.42
CA PHE B 198 -1.79 12.90 -5.97
C PHE B 198 -0.69 12.98 -4.91
N VAL B 199 -1.04 13.33 -3.68
CA VAL B 199 -0.01 13.49 -2.66
C VAL B 199 0.43 12.20 -2.05
N ALA B 200 -0.48 11.26 -1.86
CA ALA B 200 -0.12 9.96 -1.30
C ALA B 200 0.97 9.31 -2.10
N GLY B 201 0.78 9.36 -3.41
CA GLY B 201 1.83 8.81 -4.25
C GLY B 201 3.22 9.37 -3.93
N GLN B 202 3.29 10.68 -3.82
CA GLN B 202 4.57 11.38 -3.69
C GLN B 202 5.20 11.00 -2.39
N MET B 203 4.39 10.93 -1.32
CA MET B 203 4.97 10.67 -0.02
C MET B 203 5.58 9.29 0.00
N ASP B 204 4.84 8.31 -0.53
CA ASP B 204 5.31 6.90 -0.55
C ASP B 204 6.63 6.80 -1.33
N CYS B 205 6.67 7.39 -2.53
CA CYS B 205 7.89 7.44 -3.36
C CYS B 205 9.04 8.02 -2.53
N CYS B 206 8.79 9.09 -1.80
CA CYS B 206 9.85 9.69 -0.99
C CYS B 206 10.41 8.69 -0.04
N MET B 207 9.56 7.88 0.58
CA MET B 207 10.05 6.98 1.62
C MET B 207 10.83 5.81 1.00
N ASN B 208 10.77 5.62 -0.30
CA ASN B 208 11.58 4.54 -0.86
C ASN B 208 13.00 5.04 -1.14
N ASN B 209 13.26 6.34 -1.01
CA ASN B 209 14.58 6.85 -1.30
C ASN B 209 14.93 8.04 -0.40
N THR B 210 15.20 7.75 0.89
CA THR B 210 15.36 8.79 1.90
C THR B 210 16.71 9.47 1.86
N ALA B 211 17.70 8.75 1.34
CA ALA B 211 19.01 9.32 1.07
C ALA B 211 18.91 10.62 0.24
N VAL B 212 17.86 10.77 -0.56
CA VAL B 212 17.62 11.96 -1.34
C VAL B 212 16.42 12.72 -0.81
N PHE B 213 15.34 11.98 -0.53
CA PHE B 213 14.04 12.58 -0.27
C PHE B 213 13.72 12.64 1.21
N LEU B 214 13.16 13.77 1.62
CA LEU B 214 12.61 13.92 2.93
C LEU B 214 11.15 14.38 2.80
N PRO B 215 10.23 13.49 3.10
CA PRO B 215 8.83 13.80 2.96
C PRO B 215 8.19 14.45 4.18
N VAL B 216 7.42 15.51 3.98
CA VAL B 216 6.72 16.23 5.03
C VAL B 216 5.22 16.34 4.66
N LEU B 217 4.38 15.63 5.40
CA LEU B 217 2.94 15.62 5.20
C LEU B 217 2.25 16.63 6.01
N VAL B 218 1.44 17.47 5.38
CA VAL B 218 0.67 18.44 6.12
C VAL B 218 -0.82 18.31 5.88
N GLY B 219 -1.56 18.32 6.97
CA GLY B 219 -2.98 18.30 6.88
C GLY B 219 -3.57 18.45 8.25
N PHE B 220 -4.87 18.19 8.36
CA PHE B 220 -5.61 18.63 9.52
C PHE B 220 -6.56 17.59 10.04
N ASN B 221 -6.24 16.33 9.78
CA ASN B 221 -6.84 15.21 10.49
C ASN B 221 -5.78 14.43 11.23
N PRO B 222 -6.20 13.82 12.34
CA PRO B 222 -5.34 12.77 12.88
C PRO B 222 -5.10 11.63 11.90
N VAL B 223 -3.94 11.02 12.01
CA VAL B 223 -3.57 9.94 11.14
C VAL B 223 -4.60 8.80 11.24
N SER B 224 -5.08 8.51 12.43
CA SER B 224 -6.19 7.54 12.59
C SER B 224 -7.41 7.82 11.74
N MET B 225 -7.53 9.04 11.19
CA MET B 225 -8.69 9.42 10.31
C MET B 225 -8.27 9.68 8.85
N ALA B 226 -7.00 9.45 8.53
CA ALA B 226 -6.56 9.57 7.18
C ALA B 226 -7.27 8.60 6.25
N ARG B 227 -7.39 9.05 5.01
CA ARG B 227 -8.27 8.42 4.07
C ARG B 227 -7.77 7.03 3.85
N ASN B 228 -8.68 6.09 3.88
CA ASN B 228 -8.30 4.69 3.87
C ASN B 228 -9.00 3.89 2.78
N ASP B 229 -9.68 4.52 1.83
CA ASP B 229 -10.24 3.80 0.69
C ASP B 229 -9.21 3.56 -0.42
N PRO B 230 -9.36 2.47 -1.17
CA PRO B 230 -8.33 2.14 -2.18
C PRO B 230 -8.18 3.30 -3.18
N ILE B 231 -6.98 3.56 -3.64
CA ILE B 231 -6.67 4.51 -4.68
C ILE B 231 -6.50 3.69 -5.92
N GLU B 232 -7.01 4.22 -7.00
CA GLU B 232 -7.27 3.42 -8.16
C GLU B 232 -5.95 2.95 -8.75
N ASP B 233 -4.93 3.80 -8.76
CA ASP B 233 -3.68 3.38 -9.38
C ASP B 233 -2.58 3.13 -8.37
N TRP B 234 -2.90 2.74 -7.13
CA TRP B 234 -1.84 2.65 -6.13
C TRP B 234 -2.28 1.59 -5.13
N SER B 235 -1.33 0.81 -4.60
CA SER B 235 -1.65 -0.32 -3.74
C SER B 235 -1.80 0.01 -2.27
N SER B 236 -1.18 1.09 -1.80
CA SER B 236 -1.39 1.46 -0.41
C SER B 236 -2.39 2.62 -0.29
N THR B 237 -2.74 2.95 0.92
CA THR B 237 -3.87 3.80 1.16
C THR B 237 -3.23 5.01 1.81
N PHE B 238 -3.85 6.19 1.75
CA PHE B 238 -3.27 7.36 2.39
C PHE B 238 -2.95 7.12 3.89
N ARG B 239 -3.78 6.40 4.60
CA ARG B 239 -3.56 6.15 6.03
C ARG B 239 -2.31 5.30 6.31
N GLN B 240 -2.05 4.35 5.42
CA GLN B 240 -0.90 3.45 5.60
C GLN B 240 0.37 4.25 5.37
N VAL B 241 0.29 5.09 4.36
CA VAL B 241 1.39 5.98 4.04
C VAL B 241 1.62 6.92 5.22
N ALA B 242 0.58 7.57 5.73
CA ALA B 242 0.80 8.47 6.89
C ALA B 242 1.29 7.73 8.17
N GLU B 243 0.87 6.48 8.36
CA GLU B 243 1.27 5.72 9.54
C GLU B 243 2.74 5.39 9.47
N ARG B 244 3.19 5.01 8.28
CA ARG B 244 4.61 4.80 8.03
C ARG B 244 5.50 6.05 8.12
N MET B 245 4.98 7.20 7.69
CA MET B 245 5.68 8.45 7.89
C MET B 245 5.83 8.76 9.39
N GLN B 246 4.76 8.59 10.14
CA GLN B 246 4.81 8.80 11.63
C GLN B 246 5.86 7.98 12.32
N LYS B 247 5.87 6.68 12.09
CA LYS B 247 6.95 5.88 12.64
C LYS B 247 8.33 6.38 12.20
N MET B 248 8.53 6.74 10.94
CA MET B 248 9.85 7.24 10.50
C MET B 248 10.26 8.60 11.15
N GLN B 249 9.30 9.34 11.68
CA GLN B 249 9.51 10.58 12.34
C GLN B 249 10.41 10.45 13.56
N GLU B 250 10.31 9.34 14.25
CA GLU B 250 11.18 9.01 15.39
C GLU B 250 12.65 9.03 15.03
N LYS B 251 12.96 8.78 13.77
CA LYS B 251 14.33 8.96 13.26
C LYS B 251 14.49 10.28 12.46
N GLN B 252 13.49 11.15 12.41
CA GLN B 252 13.58 12.35 11.56
C GLN B 252 13.82 12.10 10.04
N LYS B 253 13.31 10.99 9.55
CA LYS B 253 13.33 10.57 8.14
C LYS B 253 12.02 10.99 7.43
N ALA B 254 11.01 11.32 8.23
CA ALA B 254 9.78 11.88 7.69
C ALA B 254 9.08 12.71 8.75
N PHE B 255 8.11 13.54 8.36
CA PHE B 255 7.32 14.22 9.33
C PHE B 255 5.88 14.28 8.95
N VAL B 256 5.03 14.23 9.97
CA VAL B 256 3.61 14.35 9.79
C VAL B 256 3.19 15.51 10.67
N LEU B 257 2.69 16.57 10.05
CA LEU B 257 2.40 17.83 10.71
C LEU B 257 0.93 18.12 10.55
N ASN B 258 0.19 17.75 11.55
CA ASN B 258 -1.26 17.59 11.42
C ASN B 258 -2.08 17.98 12.62
N PRO B 259 -2.09 19.27 12.94
CA PRO B 259 -2.98 19.78 13.97
C PRO B 259 -4.42 19.75 13.55
N ALA B 260 -5.32 19.53 14.50
CA ALA B 260 -6.76 19.68 14.28
C ALA B 260 -7.15 21.16 14.37
N ILE B 261 -7.98 21.58 13.43
CA ILE B 261 -8.40 22.96 13.43
C ILE B 261 -9.88 23.10 13.55
N GLY B 262 -10.55 21.97 13.79
CA GLY B 262 -12.00 21.95 13.78
C GLY B 262 -12.64 21.90 12.39
N PRO B 263 -13.88 21.42 12.31
CA PRO B 263 -14.50 21.29 11.05
C PRO B 263 -14.69 22.63 10.34
N GLU B 264 -14.98 22.56 9.04
CA GLU B 264 -15.22 23.79 8.23
C GLU B 264 -16.63 24.26 8.47
N GLY B 265 -16.85 25.56 8.36
CA GLY B 265 -18.16 26.17 8.59
C GLY B 265 -19.16 25.77 7.53
N LEU B 266 -18.68 25.58 6.31
CA LEU B 266 -19.44 24.80 5.31
C LEU B 266 -18.69 23.46 5.18
N SER B 267 -19.39 22.38 5.55
CA SER B 267 -18.85 21.05 5.76
C SER B 267 -18.09 20.67 4.58
N GLY B 268 -16.84 20.24 4.80
CA GLY B 268 -15.95 19.78 3.77
C GLY B 268 -15.31 20.82 2.85
N SER B 269 -15.61 22.10 3.02
CA SER B 269 -14.99 23.12 2.18
C SER B 269 -13.59 23.46 2.70
N SER B 270 -12.66 22.53 2.50
CA SER B 270 -11.31 22.66 2.98
C SER B 270 -10.53 23.82 2.33
N ARG B 271 -11.11 24.50 1.33
CA ARG B 271 -10.47 25.73 0.78
C ARG B 271 -10.45 26.84 1.87
N MET B 272 -11.34 26.73 2.83
CA MET B 272 -11.53 27.77 3.83
C MET B 272 -10.46 27.67 4.93
N LYS B 273 -10.77 27.09 6.07
CA LYS B 273 -9.81 26.98 7.17
C LYS B 273 -8.64 26.18 6.78
N GLY B 274 -8.88 25.14 5.99
CA GLY B 274 -7.73 24.27 5.69
C GLY B 274 -6.67 24.97 4.84
N GLY B 275 -7.11 25.79 3.90
CA GLY B 275 -6.18 26.55 3.08
C GLY B 275 -5.53 27.71 3.93
N SER B 276 -6.30 28.41 4.73
CA SER B 276 -5.73 29.39 5.69
C SER B 276 -4.73 28.82 6.63
N ALA B 277 -5.10 27.70 7.27
CA ALA B 277 -4.19 27.03 8.20
C ALA B 277 -2.95 26.55 7.51
N THR B 278 -3.08 26.17 6.23
CA THR B 278 -1.92 25.65 5.49
C THR B 278 -0.86 26.77 5.36
N LYS B 279 -1.31 27.96 4.96
CA LYS B 279 -0.51 29.17 4.90
C LYS B 279 0.16 29.51 6.23
N ILE B 280 -0.70 29.59 7.25
CA ILE B 280 -0.27 29.91 8.58
C ILE B 280 0.78 28.99 9.07
N LEU B 281 0.56 27.69 8.91
CA LEU B 281 1.54 26.72 9.37
C LEU B 281 2.82 26.84 8.61
N LEU B 282 2.72 26.89 7.29
CA LEU B 282 3.98 26.75 6.52
C LEU B 282 4.73 28.08 6.34
N GLU B 283 4.02 29.19 6.23
CA GLU B 283 4.68 30.49 6.21
C GLU B 283 5.38 30.67 7.55
N THR B 284 4.70 30.38 8.65
CA THR B 284 5.38 30.41 9.95
C THR B 284 6.68 29.65 9.93
N LEU B 285 6.61 28.42 9.49
CA LEU B 285 7.74 27.50 9.66
C LEU B 285 8.88 27.81 8.75
N LEU B 286 8.56 28.22 7.54
CA LEU B 286 9.59 28.50 6.58
C LEU B 286 10.19 29.87 6.85
N LEU B 287 9.38 30.83 7.26
CA LEU B 287 9.89 32.10 7.61
C LEU B 287 10.86 31.98 8.83
N ALA B 288 10.51 31.21 9.85
CA ALA B 288 11.43 31.05 10.94
C ALA B 288 12.67 30.34 10.48
N ALA B 289 12.51 29.39 9.56
CA ALA B 289 13.68 28.70 9.07
C ALA B 289 14.71 29.69 8.53
N HIS B 290 14.26 30.61 7.67
CA HIS B 290 15.16 31.51 6.98
C HIS B 290 15.78 32.50 7.98
N LYS B 291 14.92 33.18 8.74
CA LYS B 291 15.30 34.14 9.76
C LYS B 291 16.34 33.64 10.82
N THR B 292 16.34 32.33 11.12
CA THR B 292 17.13 31.80 12.20
C THR B 292 18.21 30.83 11.80
N VAL B 293 18.56 30.78 10.52
CA VAL B 293 19.74 30.01 10.15
C VAL B 293 20.92 30.29 11.11
N ASP B 294 21.54 29.24 11.63
CA ASP B 294 22.72 29.35 12.54
C ASP B 294 22.50 30.17 13.83
N GLN B 295 21.34 30.04 14.49
CA GLN B 295 21.12 30.64 15.80
C GLN B 295 20.57 29.67 16.85
N GLY B 296 20.59 28.38 16.56
CA GLY B 296 20.18 27.38 17.54
C GLY B 296 18.69 27.19 17.60
N ILE B 297 18.29 26.08 18.17
CA ILE B 297 16.88 25.66 18.21
C ILE B 297 16.00 26.66 18.96
N ALA B 298 16.56 27.23 20.04
CA ALA B 298 15.80 28.13 20.91
C ALA B 298 15.25 29.31 20.13
N ALA B 299 16.11 29.92 19.33
CA ALA B 299 15.68 31.07 18.52
C ALA B 299 14.60 30.63 17.52
N SER B 300 14.74 29.42 16.99
CA SER B 300 13.75 28.91 16.05
C SER B 300 12.40 28.85 16.76
N GLN B 301 12.39 28.25 17.96
CA GLN B 301 11.14 28.06 18.71
C GLN B 301 10.51 29.37 19.01
N ARG B 302 11.33 30.34 19.40
CA ARG B 302 10.82 31.64 19.78
C ARG B 302 10.22 32.30 18.57
N CYS B 303 10.96 32.32 17.46
CA CYS B 303 10.46 32.88 16.22
C CYS B 303 9.18 32.23 15.70
N LEU B 304 9.08 30.89 15.78
CA LEU B 304 7.83 30.13 15.37
C LEU B 304 6.70 30.68 16.14
N LEU B 305 6.86 30.84 17.44
CA LEU B 305 5.73 31.34 18.25
C LEU B 305 5.39 32.80 18.04
N GLU B 306 6.39 33.66 17.95
CA GLU B 306 6.10 35.06 17.52
C GLU B 306 5.21 35.08 16.27
N ILE B 307 5.62 34.37 15.23
CA ILE B 307 4.92 34.46 13.93
C ILE B 307 3.51 33.95 14.00
N LEU B 308 3.28 32.90 14.78
CA LEU B 308 1.92 32.37 14.89
C LEU B 308 1.02 33.38 15.54
N ARG B 309 1.53 33.96 16.63
CA ARG B 309 0.71 34.88 17.42
C ARG B 309 0.31 36.09 16.58
N THR B 310 1.23 36.60 15.78
CA THR B 310 0.93 37.61 14.73
C THR B 310 -0.23 37.20 13.77
N PHE B 311 -0.14 36.02 13.18
CA PHE B 311 -1.29 35.50 12.37
C PHE B 311 -2.53 35.44 13.22
N GLU B 312 -2.40 35.13 14.51
CA GLU B 312 -3.64 35.12 15.33
C GLU B 312 -4.20 36.55 15.52
N ARG B 313 -3.32 37.53 15.61
CA ARG B 313 -3.77 38.97 15.71
C ARG B 313 -4.51 39.31 14.40
N ALA B 314 -3.92 38.86 13.27
CA ALA B 314 -4.52 39.11 11.93
C ALA B 314 -5.93 38.64 11.85
N HIS B 315 -6.20 37.54 12.48
CA HIS B 315 -7.58 37.13 12.53
C HIS B 315 -8.40 38.24 13.17
N GLN B 316 -8.07 38.71 14.38
CA GLN B 316 -8.99 39.72 14.95
C GLN B 316 -8.87 41.05 14.32
N VAL B 317 -7.71 41.35 13.76
CA VAL B 317 -7.64 42.58 12.99
C VAL B 317 -8.72 42.49 11.90
N THR B 318 -8.63 41.43 11.12
CA THR B 318 -9.54 41.21 9.99
C THR B 318 -11.01 41.24 10.39
N TYR B 319 -11.38 40.49 11.42
CA TYR B 319 -12.80 40.40 11.76
C TYR B 319 -13.29 41.58 12.63
N SER B 320 -12.42 42.50 13.01
CA SER B 320 -12.98 43.70 13.66
C SER B 320 -13.76 44.51 12.60
N GLN B 321 -13.52 44.26 11.31
CA GLN B 321 -14.33 44.83 10.25
C GLN B 321 -15.61 44.06 9.96
N SER B 322 -16.09 43.29 10.91
CA SER B 322 -17.20 42.40 10.60
C SER B 322 -18.42 43.10 10.07
N PRO B 323 -18.77 44.27 10.63
CA PRO B 323 -20.04 44.82 10.07
C PRO B 323 -19.93 45.22 8.57
N LYS B 324 -18.75 45.65 8.16
CA LYS B 324 -18.54 46.09 6.78
C LYS B 324 -18.31 44.89 5.81
N ILE B 325 -17.80 43.78 6.35
CA ILE B 325 -17.76 42.54 5.65
C ILE B 325 -19.20 42.08 5.39
N ALA B 326 -20.12 42.26 6.34
CA ALA B 326 -21.49 41.81 6.09
C ALA B 326 -22.28 42.62 5.04
N THR B 327 -22.01 43.92 4.98
CA THR B 327 -22.69 44.78 4.01
C THR B 327 -22.17 44.42 2.58
N LEU B 328 -20.90 44.11 2.48
CA LEU B 328 -20.38 43.61 1.21
C LEU B 328 -21.09 42.30 0.81
N MET B 329 -21.24 41.40 1.78
CA MET B 329 -21.86 40.11 1.54
C MET B 329 -23.24 40.33 0.93
N LYS B 330 -24.03 41.18 1.58
CA LYS B 330 -25.39 41.51 1.07
C LYS B 330 -25.26 42.06 -0.35
N SER B 331 -24.29 42.91 -0.60
CA SER B 331 -24.19 43.50 -1.93
C SER B 331 -23.86 42.45 -2.97
N VAL B 332 -22.86 41.62 -2.70
CA VAL B 332 -22.48 40.57 -3.63
C VAL B 332 -23.66 39.58 -3.88
N SER B 333 -24.35 39.23 -2.83
CA SER B 333 -25.47 38.33 -2.91
C SER B 333 -26.60 38.91 -3.78
N THR B 334 -27.03 40.12 -3.47
CA THR B 334 -28.06 40.86 -4.23
C THR B 334 -27.77 40.83 -5.74
N SER B 335 -26.58 41.26 -6.09
CA SER B 335 -26.10 41.25 -7.42
C SER B 335 -26.22 39.86 -8.12
N LEU B 336 -25.82 38.77 -7.46
CA LEU B 336 -26.07 37.43 -8.00
C LEU B 336 -27.55 37.06 -8.01
N GLU B 337 -28.25 37.50 -6.97
CA GLU B 337 -29.69 37.27 -6.90
C GLU B 337 -30.42 37.81 -8.12
N LYS B 338 -29.92 38.91 -8.70
CA LYS B 338 -30.59 39.60 -9.83
C LYS B 338 -29.95 39.20 -11.14
N LYS B 339 -29.19 38.11 -11.13
CA LYS B 339 -28.52 37.55 -12.29
C LYS B 339 -27.41 38.40 -12.87
N GLY B 340 -26.82 39.28 -12.08
CA GLY B 340 -25.63 39.98 -12.47
C GLY B 340 -24.37 39.26 -12.01
N HIS B 341 -23.27 40.01 -11.95
CA HIS B 341 -21.97 39.48 -11.75
C HIS B 341 -21.19 40.28 -10.70
N VAL B 342 -20.06 39.73 -10.28
CA VAL B 342 -19.29 40.29 -9.20
C VAL B 342 -17.92 40.22 -9.69
N TYR B 343 -17.23 41.35 -9.55
CA TYR B 343 -15.87 41.52 -10.07
C TYR B 343 -14.99 41.80 -8.86
N LEU B 344 -13.89 41.09 -8.75
CA LEU B 344 -12.98 41.25 -7.67
C LEU B 344 -11.74 41.67 -8.36
N VAL B 345 -11.47 42.97 -8.32
CA VAL B 345 -10.37 43.51 -9.08
C VAL B 345 -9.25 43.76 -8.11
N GLY B 346 -8.09 43.15 -8.29
CA GLY B 346 -7.04 43.37 -7.34
C GLY B 346 -5.63 43.48 -7.83
N TRP B 347 -4.77 44.00 -6.93
CA TRP B 347 -3.39 44.26 -7.30
C TRP B 347 -2.45 43.26 -6.72
N GLN B 348 -1.40 42.99 -7.46
CA GLN B 348 -0.39 42.12 -6.97
C GLN B 348 -1.08 40.80 -6.56
N THR B 349 -0.51 40.20 -5.53
CA THR B 349 -0.75 38.87 -5.08
C THR B 349 -2.18 38.81 -4.54
N LEU B 350 -2.69 39.96 -4.14
CA LEU B 350 -4.06 40.03 -3.65
C LEU B 350 -5.01 39.79 -4.80
N GLY B 351 -4.59 40.15 -6.01
CA GLY B 351 -5.38 39.90 -7.18
C GLY B 351 -5.42 38.41 -7.51
N ILE B 352 -4.32 37.74 -7.31
CA ILE B 352 -4.27 36.30 -7.47
C ILE B 352 -5.25 35.64 -6.50
N ILE B 353 -5.27 36.09 -5.24
CA ILE B 353 -6.16 35.52 -4.24
C ILE B 353 -7.58 35.76 -4.66
N ALA B 354 -7.86 36.94 -5.24
CA ALA B 354 -9.19 37.24 -5.83
C ALA B 354 -9.58 36.24 -6.91
N ILE B 355 -8.63 35.97 -7.79
CA ILE B 355 -8.85 35.04 -8.87
C ILE B 355 -9.19 33.67 -8.27
N MET B 356 -8.35 33.19 -7.35
CA MET B 356 -8.58 31.93 -6.63
C MET B 356 -9.94 31.85 -6.07
N ASP B 357 -10.37 32.86 -5.38
CA ASP B 357 -11.66 32.72 -4.76
C ASP B 357 -12.82 32.51 -5.75
N GLY B 358 -12.82 33.33 -6.78
CA GLY B 358 -13.90 33.36 -7.78
C GLY B 358 -13.98 32.04 -8.52
N VAL B 359 -12.83 31.47 -8.79
CA VAL B 359 -12.73 30.20 -9.49
C VAL B 359 -13.27 29.08 -8.62
N GLU B 360 -12.96 29.15 -7.33
CA GLU B 360 -13.32 28.09 -6.42
C GLU B 360 -14.83 28.07 -6.26
N CYS B 361 -15.49 29.18 -6.55
CA CYS B 361 -16.94 29.23 -6.45
C CYS B 361 -17.63 28.31 -7.46
N ILE B 362 -16.93 28.06 -8.58
CA ILE B 362 -17.40 27.25 -9.70
C ILE B 362 -17.72 25.90 -9.13
N HIS B 363 -16.71 25.28 -8.53
CA HIS B 363 -16.97 23.92 -8.07
C HIS B 363 -17.62 23.93 -6.72
N THR B 364 -17.33 24.91 -5.88
CA THR B 364 -17.93 24.88 -4.55
C THR B 364 -19.44 25.12 -4.58
N PHE B 365 -19.89 26.03 -5.41
CA PHE B 365 -21.31 26.34 -5.37
C PHE B 365 -22.00 26.13 -6.65
N GLY B 366 -21.36 25.53 -7.63
CA GLY B 366 -22.02 25.35 -8.93
C GLY B 366 -22.12 26.66 -9.70
N ALA B 367 -21.34 27.67 -9.32
CA ALA B 367 -21.52 28.96 -9.93
C ALA B 367 -20.91 28.93 -11.30
N ASP B 368 -21.46 29.77 -12.16
CA ASP B 368 -20.81 30.11 -13.45
C ASP B 368 -19.52 30.90 -13.16
N PHE B 369 -18.56 30.75 -14.05
CA PHE B 369 -17.31 31.44 -13.98
C PHE B 369 -17.31 32.98 -13.83
N ARG B 370 -18.35 33.63 -14.32
CA ARG B 370 -18.46 35.06 -14.28
C ARG B 370 -19.26 35.53 -13.07
N ASP B 371 -19.97 34.63 -12.41
CA ASP B 371 -20.69 34.95 -11.20
C ASP B 371 -19.79 35.72 -10.17
N VAL B 372 -18.62 35.19 -9.87
CA VAL B 372 -17.71 35.80 -8.97
C VAL B 372 -16.36 35.59 -9.58
N ARG B 373 -15.83 36.66 -10.13
CA ARG B 373 -14.69 36.51 -10.93
C ARG B 373 -13.63 37.52 -10.57
N GLY B 374 -12.42 37.05 -10.46
CA GLY B 374 -11.31 37.88 -10.09
C GLY B 374 -10.46 38.36 -11.24
N PHE B 375 -9.82 39.50 -11.05
CA PHE B 375 -8.86 40.04 -12.05
C PHE B 375 -7.62 40.57 -11.36
N LEU B 376 -6.48 40.29 -11.95
CA LEU B 376 -5.22 40.86 -11.58
C LEU B 376 -4.84 42.04 -12.52
N ILE B 377 -4.86 43.24 -11.98
CA ILE B 377 -4.49 44.43 -12.75
C ILE B 377 -2.98 44.70 -12.83
N GLY B 378 -2.40 44.59 -14.02
CA GLY B 378 -0.98 44.95 -14.22
C GLY B 378 -0.02 43.89 -13.71
N GLN B 393 -4.17 31.58 -19.42
CA GLN B 393 -4.79 30.46 -20.14
C GLN B 393 -6.29 30.32 -19.81
N GLY B 394 -7.08 29.90 -20.80
CA GLY B 394 -8.52 29.79 -20.64
C GLY B 394 -9.12 31.20 -20.66
N PRO B 395 -10.10 31.48 -19.77
CA PRO B 395 -10.48 32.89 -19.67
C PRO B 395 -9.34 33.78 -19.13
N GLN B 396 -9.32 35.04 -19.54
CA GLN B 396 -8.21 35.90 -19.23
C GLN B 396 -8.33 36.32 -17.75
N PHE B 397 -7.17 36.43 -17.08
CA PHE B 397 -7.13 36.83 -15.69
C PHE B 397 -6.21 38.02 -15.31
N THR B 398 -5.08 38.16 -16.02
CA THR B 398 -4.20 39.32 -15.92
C THR B 398 -4.51 40.39 -17.00
N PHE B 399 -4.86 41.59 -16.55
CA PHE B 399 -5.17 42.72 -17.42
C PHE B 399 -4.39 43.96 -17.06
N SER B 400 -3.74 44.59 -18.06
CA SER B 400 -3.30 45.99 -17.95
C SER B 400 -4.50 46.86 -17.69
N GLN B 401 -4.25 48.08 -17.22
CA GLN B 401 -5.29 49.08 -17.04
C GLN B 401 -6.22 49.36 -18.25
N GLU B 402 -5.60 49.56 -19.42
CA GLU B 402 -6.34 49.87 -20.64
C GLU B 402 -7.02 48.57 -21.12
N ASP B 403 -6.30 47.46 -21.14
CA ASP B 403 -6.90 46.16 -21.47
C ASP B 403 -8.18 45.96 -20.65
N PHE B 404 -8.15 46.31 -19.37
CA PHE B 404 -9.33 46.20 -18.53
C PHE B 404 -10.44 47.19 -18.85
N LEU B 405 -10.09 48.44 -19.06
CA LEU B 405 -11.12 49.45 -19.42
C LEU B 405 -11.70 49.20 -20.82
N THR B 406 -10.84 48.87 -21.77
CA THR B 406 -11.26 48.48 -23.13
C THR B 406 -12.16 47.24 -23.07
N SER B 407 -11.63 46.14 -22.55
CA SER B 407 -12.25 44.82 -22.73
C SER B 407 -13.32 44.46 -21.71
N ILE B 408 -13.29 45.02 -20.50
CA ILE B 408 -14.15 44.53 -19.43
C ILE B 408 -15.15 45.54 -18.97
N LEU B 409 -14.73 46.78 -18.86
CA LEU B 409 -15.67 47.80 -18.43
C LEU B 409 -17.02 47.83 -19.20
N PRO B 410 -17.00 47.64 -20.55
CA PRO B 410 -18.28 47.74 -21.30
C PRO B 410 -19.37 46.71 -20.91
N SER B 411 -18.97 45.53 -20.47
CA SER B 411 -19.91 44.53 -20.04
C SER B 411 -20.60 44.85 -18.72
N LEU B 412 -20.17 45.89 -18.02
CA LEU B 412 -20.75 46.13 -16.73
C LEU B 412 -22.12 46.79 -16.84
N THR B 413 -22.90 46.51 -15.82
CA THR B 413 -24.27 46.84 -15.68
C THR B 413 -24.39 47.39 -14.29
N GLU B 414 -25.54 47.99 -13.99
CA GLU B 414 -25.69 48.73 -12.75
C GLU B 414 -26.08 47.87 -11.54
N ILE B 415 -26.52 46.63 -11.77
CA ILE B 415 -26.79 45.68 -10.68
C ILE B 415 -25.54 44.93 -10.20
N ASP B 416 -24.45 45.08 -10.94
CA ASP B 416 -23.21 44.37 -10.68
C ASP B 416 -22.48 44.96 -9.52
N THR B 417 -21.76 44.12 -8.79
CA THR B 417 -20.87 44.57 -7.73
C THR B 417 -19.41 44.49 -8.16
N VAL B 418 -18.66 45.54 -7.88
CA VAL B 418 -17.23 45.47 -8.11
C VAL B 418 -16.43 45.78 -6.84
N VAL B 419 -15.54 44.87 -6.48
CA VAL B 419 -14.75 44.97 -5.26
C VAL B 419 -13.33 45.18 -5.69
N PHE B 420 -12.72 46.24 -5.16
CA PHE B 420 -11.33 46.58 -5.41
C PHE B 420 -10.50 46.18 -4.21
N ILE B 421 -9.35 45.58 -4.48
CA ILE B 421 -8.54 45.04 -3.42
C ILE B 421 -7.12 45.38 -3.69
N PHE B 422 -6.55 46.16 -2.80
CA PHE B 422 -5.23 46.81 -3.01
C PHE B 422 -4.70 47.29 -1.62
N THR B 423 -3.44 47.69 -1.61
CA THR B 423 -2.77 48.28 -0.46
C THR B 423 -2.28 49.67 -0.82
N LEU B 424 -2.15 50.53 0.19
CA LEU B 424 -1.70 51.91 0.01
C LEU B 424 -0.29 51.96 -0.55
N ASP B 425 0.35 50.82 -0.80
CA ASP B 425 1.63 50.78 -1.48
C ASP B 425 1.58 50.49 -2.98
N ASP B 426 0.38 50.22 -3.48
CA ASP B 426 0.21 49.92 -4.89
C ASP B 426 0.15 51.25 -5.68
N ASN B 427 0.22 51.13 -6.99
CA ASN B 427 -0.15 52.20 -7.94
C ASN B 427 -1.53 52.84 -7.63
N LEU B 428 -1.57 53.88 -6.81
CA LEU B 428 -2.87 54.45 -6.39
C LEU B 428 -3.58 55.36 -7.42
N THR B 429 -2.89 55.73 -8.52
CA THR B 429 -3.59 56.52 -9.54
C THR B 429 -4.41 55.55 -10.37
N GLU B 430 -3.70 54.57 -10.92
CA GLU B 430 -4.28 53.38 -11.58
C GLU B 430 -5.53 52.86 -10.88
N VAL B 431 -5.49 52.78 -9.56
CA VAL B 431 -6.67 52.32 -8.83
C VAL B 431 -7.72 53.32 -9.19
N GLN B 432 -7.53 54.54 -8.73
CA GLN B 432 -8.57 55.56 -8.88
C GLN B 432 -8.98 55.79 -10.34
N THR B 433 -8.04 55.71 -11.29
CA THR B 433 -8.40 55.74 -12.72
C THR B 433 -9.57 54.76 -12.92
N ILE B 434 -9.27 53.47 -12.66
CA ILE B 434 -10.17 52.36 -12.97
C ILE B 434 -11.47 52.48 -12.23
N VAL B 435 -11.39 52.89 -10.96
CA VAL B 435 -12.59 52.97 -10.15
C VAL B 435 -13.47 54.13 -10.58
N GLU B 436 -12.87 55.19 -11.10
CA GLU B 436 -13.66 56.29 -11.63
C GLU B 436 -14.54 55.84 -12.79
N GLN B 437 -13.94 55.17 -13.75
CA GLN B 437 -14.71 54.70 -14.91
C GLN B 437 -15.74 53.64 -14.50
N VAL B 438 -15.29 52.61 -13.75
CA VAL B 438 -16.23 51.61 -13.22
C VAL B 438 -17.40 52.28 -12.51
N LYS B 439 -17.09 53.30 -11.74
CA LYS B 439 -18.10 53.98 -10.92
C LYS B 439 -19.21 54.56 -11.80
N GLU B 440 -18.92 54.85 -13.05
CA GLU B 440 -19.99 55.34 -13.91
C GLU B 440 -20.97 54.26 -14.36
N LYS B 441 -20.55 52.99 -14.29
CA LYS B 441 -21.40 51.88 -14.75
C LYS B 441 -22.24 51.29 -13.60
N THR B 442 -21.67 51.21 -12.41
CA THR B 442 -22.50 50.81 -11.25
C THR B 442 -22.21 51.63 -10.00
N ASN B 443 -23.18 51.68 -9.12
CA ASN B 443 -22.96 52.23 -7.80
C ASN B 443 -22.38 51.22 -6.82
N HIS B 444 -22.68 49.92 -6.99
CA HIS B 444 -22.25 48.89 -6.01
C HIS B 444 -20.78 48.52 -6.05
N ILE B 445 -19.95 49.43 -5.53
CA ILE B 445 -18.51 49.23 -5.48
C ILE B 445 -18.12 49.33 -4.02
N GLN B 446 -17.02 48.69 -3.65
CA GLN B 446 -16.72 48.54 -2.22
C GLN B 446 -15.19 48.33 -2.35
N ALA B 447 -14.43 48.60 -1.29
CA ALA B 447 -13.00 48.39 -1.37
C ALA B 447 -12.44 47.76 -0.11
N LEU B 448 -11.28 47.13 -0.25
CA LEU B 448 -10.65 46.43 0.81
C LEU B 448 -9.24 46.83 0.74
N ALA B 449 -8.85 47.78 1.59
CA ALA B 449 -7.54 48.45 1.40
C ALA B 449 -6.74 48.24 2.64
N HIS B 450 -5.50 47.82 2.43
CA HIS B 450 -4.59 47.50 3.50
C HIS B 450 -3.62 48.69 3.68
N SER B 451 -3.27 49.00 4.92
CA SER B 451 -2.21 50.00 5.19
C SER B 451 -1.46 49.75 6.46
N THR B 452 -0.20 50.20 6.51
CA THR B 452 0.46 50.40 7.80
C THR B 452 -0.21 51.64 8.47
N VAL B 453 -0.46 51.58 9.77
CA VAL B 453 -1.00 52.75 10.50
C VAL B 453 -0.02 53.91 10.27
N GLY B 454 -0.56 55.07 9.93
CA GLY B 454 0.24 56.21 9.51
C GLY B 454 0.12 56.57 8.05
N GLN B 455 -0.36 55.65 7.20
CA GLN B 455 -0.51 55.98 5.78
C GLN B 455 -1.90 56.56 5.62
N THR B 456 -2.18 57.31 4.56
CA THR B 456 -3.50 57.98 4.45
C THR B 456 -4.14 57.75 3.10
N LEU B 457 -5.47 57.73 3.06
CA LEU B 457 -6.17 57.40 1.82
C LEU B 457 -6.52 58.62 0.96
N PRO B 458 -5.74 58.89 -0.12
CA PRO B 458 -6.07 59.94 -1.07
C PRO B 458 -7.55 60.28 -1.13
N ILE B 459 -7.88 61.56 -0.88
CA ILE B 459 -9.27 62.05 -0.89
C ILE B 459 -10.10 61.75 -2.14
N PRO B 460 -9.48 61.71 -3.35
CA PRO B 460 -10.33 61.19 -4.44
C PRO B 460 -10.88 59.77 -4.12
N LEU B 461 -9.97 58.79 -3.95
CA LEU B 461 -10.33 57.44 -3.48
C LEU B 461 -11.28 57.50 -2.30
N LYS B 462 -10.87 58.20 -1.27
CA LYS B 462 -11.66 58.37 -0.08
C LYS B 462 -13.04 58.88 -0.45
N LYS B 463 -13.12 59.83 -1.40
CA LYS B 463 -14.43 60.31 -1.90
C LYS B 463 -15.10 59.23 -2.74
N LEU B 464 -14.33 58.48 -3.51
CA LEU B 464 -14.90 57.28 -4.20
C LEU B 464 -15.52 56.21 -3.25
N PHE B 465 -14.92 55.93 -2.09
CA PHE B 465 -15.54 54.98 -1.15
C PHE B 465 -15.80 55.60 0.21
N PRO B 466 -17.08 55.75 0.60
CA PRO B 466 -17.39 56.25 1.95
C PRO B 466 -16.92 55.31 3.07
N SER B 467 -17.64 54.20 3.31
CA SER B 467 -17.24 53.18 4.31
C SER B 467 -16.40 52.09 3.68
N ILE B 468 -15.25 52.51 3.15
CA ILE B 468 -14.21 51.61 2.67
C ILE B 468 -13.81 50.64 3.80
N ILE B 469 -13.51 49.40 3.45
CA ILE B 469 -13.11 48.40 4.43
C ILE B 469 -11.63 48.50 4.51
N SER B 470 -11.19 49.33 5.45
CA SER B 470 -9.79 49.61 5.57
C SER B 470 -9.29 48.66 6.65
N ILE B 471 -8.23 47.96 6.32
CA ILE B 471 -7.56 47.09 7.26
C ILE B 471 -6.26 47.77 7.50
N THR B 472 -6.12 48.27 8.70
CA THR B 472 -4.96 49.07 9.01
C THR B 472 -4.13 48.23 10.02
N TRP B 473 -2.87 48.04 9.68
CA TRP B 473 -1.97 47.12 10.38
C TRP B 473 -0.94 47.91 11.21
N PRO B 474 -0.88 47.64 12.53
CA PRO B 474 0.13 48.24 13.40
C PRO B 474 1.51 48.08 12.76
N LEU B 475 2.50 48.88 13.13
CA LEU B 475 3.87 48.72 12.63
C LEU B 475 4.55 47.55 13.38
N LEU B 476 5.54 46.93 12.75
CA LEU B 476 6.12 45.67 13.22
C LEU B 476 7.52 45.53 12.65
N PHE B 477 8.49 45.20 13.49
CA PHE B 477 9.84 45.01 12.98
C PHE B 477 9.79 43.92 11.91
N PHE B 478 10.53 44.10 10.81
CA PHE B 478 10.69 43.05 9.80
C PHE B 478 12.15 42.87 9.32
N GLU B 479 12.52 41.61 9.10
CA GLU B 479 13.89 41.24 8.75
C GLU B 479 14.32 41.62 7.32
N TYR B 480 13.61 41.16 6.29
CA TYR B 480 14.03 41.36 4.92
C TYR B 480 13.29 42.51 4.28
N GLU B 481 13.85 43.08 3.20
CA GLU B 481 13.28 44.28 2.55
C GLU B 481 11.86 43.98 2.05
N GLY B 482 11.66 42.81 1.44
CA GLY B 482 10.31 42.40 0.99
C GLY B 482 9.17 42.55 1.99
N ASN B 483 9.50 42.58 3.30
CA ASN B 483 8.51 42.65 4.36
C ASN B 483 7.46 41.50 4.20
N PHE B 484 8.01 40.31 4.32
CA PHE B 484 7.30 39.11 4.01
C PHE B 484 6.22 38.88 5.05
N ILE B 485 6.53 39.19 6.29
CA ILE B 485 5.55 39.05 7.34
C ILE B 485 4.34 39.93 7.02
N GLN B 486 4.57 41.08 6.42
CA GLN B 486 3.42 41.98 6.08
C GLN B 486 2.60 41.40 4.88
N LYS B 487 3.32 40.83 3.93
CA LYS B 487 2.67 40.21 2.75
C LYS B 487 1.76 39.07 3.25
N PHE B 488 2.29 38.27 4.16
CA PHE B 488 1.53 37.12 4.67
C PHE B 488 0.35 37.53 5.46
N GLN B 489 0.45 38.54 6.32
CA GLN B 489 -0.76 39.03 6.99
C GLN B 489 -1.81 39.47 6.03
N ARG B 490 -1.40 40.15 4.98
CA ARG B 490 -2.40 40.76 4.07
C ARG B 490 -3.01 39.72 3.17
N GLU B 491 -2.21 38.78 2.71
CA GLU B 491 -2.77 37.66 1.90
C GLU B 491 -3.81 36.88 2.72
N LEU B 492 -3.47 36.56 3.96
CA LEU B 492 -4.43 35.83 4.83
C LEU B 492 -5.68 36.59 5.10
N SER B 493 -5.49 37.85 5.49
CA SER B 493 -6.63 38.72 5.75
C SER B 493 -7.57 38.79 4.53
N THR B 494 -6.96 38.90 3.35
CA THR B 494 -7.76 39.03 2.09
C THR B 494 -8.51 37.69 1.83
N LYS B 495 -7.79 36.61 1.99
CA LYS B 495 -8.39 35.29 1.84
C LYS B 495 -9.60 35.16 2.71
N TRP B 496 -9.45 35.56 3.99
CA TRP B 496 -10.56 35.42 4.92
C TRP B 496 -11.72 36.25 4.49
N VAL B 497 -11.44 37.46 4.06
CA VAL B 497 -12.59 38.34 3.72
C VAL B 497 -13.38 37.74 2.58
N LEU B 498 -12.68 37.49 1.49
CA LEU B 498 -13.27 37.00 0.26
C LEU B 498 -13.96 35.60 0.39
N ASN B 499 -13.28 34.65 1.04
CA ASN B 499 -13.96 33.35 1.38
C ASN B 499 -15.28 33.57 2.10
N THR B 500 -15.26 34.52 3.05
CA THR B 500 -16.41 34.72 3.90
C THR B 500 -17.47 35.30 3.07
N VAL B 501 -17.11 36.33 2.34
CA VAL B 501 -18.06 37.03 1.46
C VAL B 501 -18.64 36.06 0.36
N SER B 502 -17.79 35.41 -0.39
CA SER B 502 -18.30 34.49 -1.43
C SER B 502 -19.13 33.36 -0.79
N THR B 503 -18.61 32.77 0.26
CA THR B 503 -19.31 31.65 0.84
C THR B 503 -20.64 32.16 1.37
N GLY B 504 -20.66 33.25 2.11
CA GLY B 504 -21.93 33.73 2.68
C GLY B 504 -22.89 34.26 1.63
N ALA B 505 -22.35 34.91 0.61
CA ALA B 505 -23.23 35.43 -0.46
C ALA B 505 -24.15 34.29 -0.99
N HIS B 506 -23.57 33.09 -1.14
CA HIS B 506 -24.29 31.94 -1.74
C HIS B 506 -25.20 31.26 -0.74
N VAL B 507 -24.87 31.34 0.52
CA VAL B 507 -25.70 30.82 1.55
C VAL B 507 -26.97 31.62 1.63
N LEU B 508 -26.83 32.95 1.56
CA LEU B 508 -27.99 33.87 1.62
C LEU B 508 -28.87 33.67 0.41
N LEU B 509 -28.29 33.36 -0.74
CA LEU B 509 -29.12 32.91 -1.88
C LEU B 509 -29.94 31.62 -1.62
N GLY B 510 -29.63 30.85 -0.59
CA GLY B 510 -30.39 29.60 -0.32
C GLY B 510 -29.73 28.32 -0.88
N LYS B 511 -28.46 28.39 -1.30
CA LYS B 511 -27.76 27.27 -1.94
C LYS B 511 -27.28 26.18 -0.97
N ILE B 512 -27.42 26.42 0.31
CA ILE B 512 -26.81 25.55 1.31
C ILE B 512 -27.91 25.00 2.15
N LEU B 513 -27.83 23.69 2.36
CA LEU B 513 -28.76 22.95 3.15
C LEU B 513 -28.16 22.73 4.54
N GLN B 514 -28.67 23.48 5.53
CA GLN B 514 -28.05 23.55 6.84
C GLN B 514 -26.58 24.10 6.76
N ASN B 515 -25.57 23.25 6.86
CA ASN B 515 -24.22 23.64 6.54
C ASN B 515 -23.60 22.64 5.57
N HIS B 516 -24.42 22.11 4.68
CA HIS B 516 -23.93 21.25 3.62
C HIS B 516 -24.29 21.86 2.27
N MET B 517 -23.43 21.60 1.27
CA MET B 517 -23.70 21.86 -0.14
C MET B 517 -24.15 20.51 -0.73
N LEU B 518 -25.44 20.27 -0.74
CA LEU B 518 -25.97 19.04 -1.20
C LEU B 518 -25.74 18.89 -2.71
N ASP B 519 -26.00 19.96 -3.42
CA ASP B 519 -26.01 19.87 -4.86
C ASP B 519 -24.65 20.09 -5.42
N LEU B 520 -23.67 19.25 -5.07
CA LEU B 520 -22.35 19.41 -5.68
C LEU B 520 -22.17 18.58 -6.96
N ARG B 521 -21.19 19.00 -7.74
CA ARG B 521 -20.83 18.28 -8.92
C ARG B 521 -19.79 17.23 -8.54
N ILE B 522 -20.11 15.96 -8.79
CA ILE B 522 -19.21 14.87 -8.41
C ILE B 522 -18.08 14.77 -9.38
N SER B 523 -16.91 15.34 -9.03
CA SER B 523 -15.81 15.38 -10.01
C SER B 523 -14.59 14.67 -9.55
N ASN B 524 -14.63 14.11 -8.34
CA ASN B 524 -13.58 13.19 -7.99
C ASN B 524 -14.10 12.26 -6.92
N SER B 525 -13.24 11.37 -6.48
CA SER B 525 -13.70 10.27 -5.66
C SER B 525 -14.11 10.73 -4.24
N LYS B 526 -13.41 11.73 -3.72
CA LYS B 526 -13.80 12.38 -2.46
C LYS B 526 -15.16 12.97 -2.52
N LEU B 527 -15.47 13.66 -3.61
CA LEU B 527 -16.76 14.28 -3.74
C LEU B 527 -17.86 13.20 -3.92
N PHE B 528 -17.50 12.06 -4.52
CA PHE B 528 -18.42 10.91 -4.58
C PHE B 528 -18.73 10.41 -3.15
N TRP B 529 -17.70 10.22 -2.34
CA TRP B 529 -17.97 9.73 -0.96
C TRP B 529 -18.75 10.73 -0.20
N ARG B 530 -18.54 12.01 -0.49
CA ARG B 530 -19.23 13.03 0.26
C ARG B 530 -20.70 13.05 -0.20
N ALA B 531 -20.92 12.83 -1.49
CA ALA B 531 -22.31 12.71 -1.96
C ALA B 531 -23.06 11.59 -1.23
N LEU B 532 -22.46 10.42 -1.16
CA LEU B 532 -23.09 9.27 -0.54
C LEU B 532 -23.33 9.52 0.95
N ALA B 533 -22.29 9.92 1.64
CA ALA B 533 -22.43 10.33 3.03
C ALA B 533 -23.64 11.29 3.29
N MET B 534 -23.85 12.21 2.35
CA MET B 534 -24.93 13.19 2.44
C MET B 534 -26.30 12.56 2.19
N LEU B 535 -26.34 11.61 1.29
CA LEU B 535 -27.54 10.88 1.07
C LEU B 535 -27.94 10.09 2.32
N GLN B 536 -26.99 9.39 2.90
CA GLN B 536 -27.26 8.76 4.18
C GLN B 536 -27.74 9.73 5.28
N ARG B 537 -27.09 10.88 5.44
CA ARG B 537 -27.51 11.76 6.51
C ARG B 537 -28.90 12.40 6.28
N PHE B 538 -29.29 12.67 5.05
CA PHE B 538 -30.56 13.38 4.80
C PHE B 538 -31.66 12.40 4.52
N SER B 539 -31.36 11.21 4.01
CA SER B 539 -32.42 10.22 3.78
C SER B 539 -32.66 9.47 5.07
N GLY B 540 -31.58 9.12 5.76
CA GLY B 540 -31.65 8.30 6.98
C GLY B 540 -31.77 6.85 6.57
N GLN B 541 -31.66 6.56 5.27
CA GLN B 541 -31.86 5.22 4.83
C GLN B 541 -30.57 4.51 4.75
N SER B 542 -30.67 3.21 4.43
CA SER B 542 -29.53 2.36 4.49
C SER B 542 -28.48 2.78 3.46
N LYS B 543 -27.29 2.29 3.73
CA LYS B 543 -26.19 2.41 2.87
C LYS B 543 -26.51 1.85 1.50
N ALA B 544 -27.17 0.69 1.49
CA ALA B 544 -27.33 -0.05 0.25
C ALA B 544 -28.31 0.71 -0.63
N ARG B 545 -29.39 1.21 -0.06
CA ARG B 545 -30.33 2.00 -0.83
C ARG B 545 -29.68 3.33 -1.27
N CYS B 546 -28.86 3.94 -0.42
CA CYS B 546 -28.19 5.19 -0.78
C CYS B 546 -27.24 4.99 -1.95
N ILE B 547 -26.45 3.91 -1.91
CA ILE B 547 -25.54 3.65 -2.97
C ILE B 547 -26.32 3.43 -4.25
N GLU B 548 -27.39 2.62 -4.17
CA GLU B 548 -28.16 2.31 -5.38
C GLU B 548 -28.86 3.55 -5.90
N SER B 549 -29.44 4.37 -5.04
CA SER B 549 -30.01 5.57 -5.55
C SER B 549 -28.96 6.52 -6.24
N LEU B 550 -27.73 6.55 -5.76
CA LEU B 550 -26.68 7.42 -6.30
C LEU B 550 -26.25 6.89 -7.63
N LEU B 551 -25.98 5.58 -7.69
CA LEU B 551 -25.56 5.04 -8.97
C LEU B 551 -26.63 5.11 -10.03
N ARG B 552 -27.89 4.91 -9.66
CA ARG B 552 -28.97 4.98 -10.67
C ARG B 552 -29.06 6.41 -11.16
N ALA B 553 -29.00 7.38 -10.24
CA ALA B 553 -29.03 8.79 -10.59
C ALA B 553 -27.93 9.13 -11.53
N ILE B 554 -26.74 8.59 -11.28
CA ILE B 554 -25.62 8.95 -12.10
C ILE B 554 -25.74 8.38 -13.51
N HIS B 555 -25.94 7.08 -13.57
CA HIS B 555 -25.93 6.39 -14.84
C HIS B 555 -27.20 6.35 -15.65
N PHE B 556 -28.30 6.83 -15.10
CA PHE B 556 -29.54 6.98 -15.86
C PHE B 556 -29.20 7.69 -17.15
N PRO B 557 -29.73 7.21 -18.28
CA PRO B 557 -30.71 6.14 -18.49
C PRO B 557 -30.24 4.70 -18.45
N GLN B 558 -28.94 4.43 -18.25
CA GLN B 558 -28.51 3.03 -18.09
C GLN B 558 -29.05 2.46 -16.79
N PRO B 559 -29.58 1.21 -16.81
CA PRO B 559 -29.88 0.48 -15.57
C PRO B 559 -28.61 0.08 -14.82
N LEU B 560 -28.72 -0.19 -13.52
CA LEU B 560 -27.63 -0.74 -12.72
C LEU B 560 -27.35 -2.16 -13.16
N SER B 561 -26.15 -2.45 -13.62
CA SER B 561 -25.76 -3.79 -14.00
C SER B 561 -24.72 -4.24 -13.01
N ASP B 562 -24.26 -5.48 -13.08
CA ASP B 562 -23.21 -5.93 -12.18
C ASP B 562 -21.89 -5.18 -12.48
N ASP B 563 -21.63 -4.88 -13.73
CA ASP B 563 -20.42 -4.21 -14.08
C ASP B 563 -20.36 -2.81 -13.52
N ILE B 564 -21.49 -2.12 -13.57
CA ILE B 564 -21.61 -0.78 -13.01
C ILE B 564 -21.41 -0.88 -11.49
N ARG B 565 -22.07 -1.86 -10.86
CA ARG B 565 -22.00 -1.97 -9.40
C ARG B 565 -20.57 -2.22 -8.96
N ALA B 566 -19.79 -2.92 -9.78
CA ALA B 566 -18.44 -3.26 -9.39
C ALA B 566 -17.35 -2.34 -10.01
N ALA B 567 -17.74 -1.32 -10.74
CA ALA B 567 -16.76 -0.50 -11.43
C ALA B 567 -15.98 0.34 -10.42
N PRO B 568 -14.80 0.79 -10.83
CA PRO B 568 -14.11 1.71 -9.91
C PRO B 568 -14.84 3.03 -9.80
N ILE B 569 -14.64 3.68 -8.70
CA ILE B 569 -15.24 4.97 -8.49
C ILE B 569 -15.03 5.93 -9.66
N SER B 570 -13.85 5.93 -10.26
CA SER B 570 -13.63 6.85 -11.38
C SER B 570 -14.66 6.69 -12.51
N CYS B 571 -15.20 5.48 -12.70
CA CYS B 571 -16.23 5.28 -13.71
C CYS B 571 -17.42 6.15 -13.32
N HIS B 572 -17.79 6.14 -12.04
CA HIS B 572 -18.98 6.86 -11.67
C HIS B 572 -18.71 8.34 -11.77
N VAL B 573 -17.51 8.72 -11.33
CA VAL B 573 -17.11 10.12 -11.37
C VAL B 573 -17.20 10.66 -12.78
N GLN B 574 -16.59 9.94 -13.70
CA GLN B 574 -16.50 10.38 -15.09
C GLN B 574 -17.93 10.61 -15.64
N VAL B 575 -18.85 9.74 -15.29
CA VAL B 575 -20.17 9.97 -15.82
C VAL B 575 -20.86 11.11 -15.06
N ALA B 576 -20.73 11.15 -13.74
CA ALA B 576 -21.49 12.15 -12.97
C ALA B 576 -21.06 13.59 -13.19
N HIS B 577 -19.80 13.75 -13.55
CA HIS B 577 -19.18 15.06 -13.73
C HIS B 577 -19.86 15.86 -14.83
N GLU B 578 -20.40 15.13 -15.80
CA GLU B 578 -21.14 15.73 -16.88
C GLU B 578 -22.56 16.06 -16.56
N LYS B 579 -23.07 15.85 -15.36
CA LYS B 579 -24.54 15.97 -15.23
C LYS B 579 -24.88 17.01 -14.23
N GLU B 580 -26.16 17.36 -14.18
CA GLU B 580 -26.68 18.35 -13.27
C GLU B 580 -27.60 17.68 -12.24
N GLN B 581 -27.55 18.13 -10.99
CA GLN B 581 -28.53 17.80 -9.99
C GLN B 581 -28.55 16.31 -9.63
N VAL B 582 -27.44 15.61 -9.82
CA VAL B 582 -27.37 14.19 -9.54
C VAL B 582 -27.81 13.88 -8.13
N ILE B 583 -27.31 14.67 -7.17
CA ILE B 583 -27.49 14.33 -5.80
C ILE B 583 -28.90 14.67 -5.36
N PRO B 584 -29.40 15.84 -5.75
CA PRO B 584 -30.83 16.06 -5.41
C PRO B 584 -31.78 15.00 -5.97
N ILE B 585 -31.56 14.58 -7.20
CA ILE B 585 -32.37 13.53 -7.78
C ILE B 585 -32.26 12.25 -7.01
N ALA B 586 -31.04 11.86 -6.67
CA ALA B 586 -30.79 10.66 -5.90
C ALA B 586 -31.49 10.75 -4.54
N LEU B 587 -31.51 11.92 -3.92
CA LEU B 587 -32.17 12.10 -2.64
C LEU B 587 -33.69 12.08 -2.77
N LEU B 588 -34.23 12.65 -3.86
CA LEU B 588 -35.67 12.63 -4.05
C LEU B 588 -36.11 11.20 -4.24
N SER B 589 -35.36 10.47 -5.05
CA SER B 589 -35.63 9.06 -5.28
C SER B 589 -35.79 8.28 -3.97
N LEU B 590 -34.88 8.54 -3.03
CA LEU B 590 -34.85 7.88 -1.76
C LEU B 590 -36.02 8.32 -0.90
N LEU B 591 -36.23 9.63 -0.78
CA LEU B 591 -37.24 10.17 0.11
C LEU B 591 -38.65 9.75 -0.35
N PHE B 592 -38.93 9.91 -1.63
CA PHE B 592 -40.18 9.49 -2.19
C PHE B 592 -40.32 7.99 -2.47
N ARG B 593 -39.24 7.20 -2.33
CA ARG B 593 -39.29 5.80 -2.67
C ARG B 593 -39.69 5.58 -4.07
N CYS B 594 -39.11 6.34 -4.97
CA CYS B 594 -39.59 6.31 -6.35
C CYS B 594 -38.45 6.04 -7.26
N SER B 595 -38.70 6.01 -8.56
CA SER B 595 -37.65 5.78 -9.52
C SER B 595 -36.97 7.08 -9.91
N ILE B 596 -35.86 6.96 -10.62
CA ILE B 596 -35.19 8.14 -11.15
C ILE B 596 -36.15 8.91 -12.10
N THR B 597 -36.83 8.16 -12.96
CA THR B 597 -37.77 8.73 -13.92
C THR B 597 -38.80 9.55 -13.13
N GLU B 598 -39.28 9.05 -12.00
CA GLU B 598 -40.23 9.84 -11.23
C GLU B 598 -39.57 10.99 -10.42
N ALA B 599 -38.32 10.83 -9.98
CA ALA B 599 -37.68 11.90 -9.19
C ALA B 599 -37.33 13.06 -10.14
N GLN B 600 -36.94 12.76 -11.37
CA GLN B 600 -36.65 13.77 -12.38
C GLN B 600 -37.81 14.59 -12.77
N ALA B 601 -38.97 13.95 -12.97
CA ALA B 601 -40.17 14.72 -13.39
C ALA B 601 -40.61 15.60 -12.26
N HIS B 602 -40.46 15.07 -11.05
CA HIS B 602 -40.87 15.76 -9.88
C HIS B 602 -40.03 17.01 -9.74
N LEU B 603 -38.70 16.84 -9.78
CA LEU B 603 -37.79 17.97 -9.73
C LEU B 603 -38.16 18.99 -10.76
N ALA B 604 -38.31 18.55 -11.99
CA ALA B 604 -38.51 19.46 -13.11
C ALA B 604 -39.87 20.16 -13.10
N ALA B 605 -40.80 19.73 -12.28
CA ALA B 605 -42.06 20.46 -12.12
C ALA B 605 -42.06 21.32 -10.84
N ALA B 606 -40.91 21.56 -10.23
CA ALA B 606 -40.92 22.29 -8.95
C ALA B 606 -40.39 23.70 -9.13
N PRO B 607 -40.63 24.56 -8.13
CA PRO B 607 -40.16 25.93 -8.35
C PRO B 607 -38.65 25.96 -8.56
N SER B 608 -37.91 25.32 -7.67
CA SER B 608 -36.48 25.29 -7.80
C SER B 608 -35.96 23.98 -7.21
N VAL B 609 -34.70 23.67 -7.51
CA VAL B 609 -34.03 22.58 -6.84
C VAL B 609 -34.15 22.64 -5.34
N CYS B 610 -33.81 23.78 -4.74
CA CYS B 610 -33.78 23.93 -3.29
C CYS B 610 -35.15 23.76 -2.66
N GLU B 611 -36.17 24.29 -3.33
CA GLU B 611 -37.46 24.16 -2.76
C GLU B 611 -37.98 22.71 -2.87
N ALA B 612 -37.70 22.03 -3.99
CA ALA B 612 -38.09 20.62 -4.11
C ALA B 612 -37.44 19.83 -3.01
N VAL B 613 -36.14 20.03 -2.80
CA VAL B 613 -35.41 19.26 -1.74
C VAL B 613 -35.98 19.57 -0.38
N ARG B 614 -36.05 20.85 -0.03
CA ARG B 614 -36.57 21.26 1.29
C ARG B 614 -38.01 20.76 1.61
N SER B 615 -38.93 20.81 0.65
CA SER B 615 -40.29 20.25 0.86
C SER B 615 -40.30 18.74 0.98
N ALA B 616 -39.45 18.09 0.22
CA ALA B 616 -39.35 16.63 0.31
C ALA B 616 -38.91 16.30 1.73
N LEU B 617 -37.94 17.04 2.25
CA LEU B 617 -37.42 16.78 3.57
C LEU B 617 -38.43 17.01 4.68
N ALA B 618 -39.46 17.85 4.45
CA ALA B 618 -40.39 18.24 5.53
C ALA B 618 -41.76 17.55 5.45
#